data_9AU7
#
_entry.id   9AU7
#
_cell.length_a   1.00
_cell.length_b   1.00
_cell.length_c   1.00
_cell.angle_alpha   90.00
_cell.angle_beta   90.00
_cell.angle_gamma   90.00
#
_symmetry.space_group_name_H-M   'P 1'
#
loop_
_entity.id
_entity.type
_entity.pdbx_description
1 polymer 'VPS35 endosomal protein-sorting factor-like'
2 polymer 'Vacuolar protein sorting-associated protein 29'
3 polymer 'Vacuolar protein sorting-associated protein 26C'
4 polymer 'Sorting nexin-17'
#
loop_
_entity_poly.entity_id
_entity_poly.type
_entity_poly.pdbx_seq_one_letter_code
_entity_poly.pdbx_strand_id
1 'polypeptide(L)'
;MAVFPWHSRNRNYKAEFASCRLEAVPLEFGDYHPLKPITVTESKTKKVNRKGSTSSTSSSSSSSVVDPLSSVLDGTDPLS
MFAATADPAALAAAMDSSRRKRDRDDNSVVGSDFEPWTNKRGEILARYTTTEKLSINLFMGSEKGKAGTATLAMSEKVRT
RLEELDDFEEGSQKELLNLTQQDYVNRIEELNQSLKDAWASDQKVKALKIVIQCSKLLSDTSVIQFYPSKFVLITDILDT
FGKLVYERIFSMCVDSRSVLPDHFSPENANDTAKETCLNWFFKIASIRELIPRFYVEASILKCNKFLSKTGISECLPRLT
CMIRGIGDPLVSVYARAYLCRVGMEVAPHLKETLNKNFFDFLLTFKQIHGDTVQNQLVVQGVELPSYLPLYPPAMDWIFQ
CISYHAPEALLTEMMERCKKLGNNALLLNSVMSAFRAEFIATRSMDFIGMIKECDESGFPKHLLFRSLGLNLALADPPES
DRLQILNEAWKVITKLKNPQDYINCAEVWVEYTCKHFTKREVNTVLADVIKHMTPDRAFEDSYPQLQLIIKKVIAHFHDF
SVLFSVEKFLPFLDMFQKESVRVEVCKCIMDAFIKHQQEPTKDPVILNALLHVCKTMHDSVNALTLEDEKRMLSYLINGF
IKMVSFGRDFEQQLSFYVESRSMFCNLEPVLVQLIHSVNRLAMETRKVMKGNHSRKTAAFVRACVAYCFITIPSLAGIFT
RLNLYLHSGQVALANQCLSQADAFFKAAISLVPEVPKMINIDGKMRPSESFLLEFLCNFFSTLLIVPDHPEHGVLFLVRE
LLNVIQDYTWEDNSDEKIRIYTCVLHLLSAMSQETYLYHIDKVDSNDSLYGGDSKFLAENNKLCETVMAQILEHLKTLAK
DEALKRQSSLGLSFFNSILAHGDLRNNKLNQLSVNLWHLAQRHGCADTRTMVKTLEYIKKQSKQPDMTHLTELALRLPLQ
TRT
;
A
2 'polypeptide(L)'
;MAGHRLVLVLGDLHIPHRCNSLPAKFKKLLVPGKIQHILCTGNLCTKESYDYLKTLAGDVHIVRGDFDENLNYPEQKVVT
VGQFKIGLIHGHQVIPWGDMASLALLQRQFDVDILISGHTHKFEAFEHENKFYINPGSATGAYNALETNIIPSFVLMDIQ
ASTVVTYVYQLIGDDVKVERIEYKKPENLYFQGGGSGGSHHHHHH
;
B
3 'polypeptide(L)'
;MGTALDIKIKRANKVYHAGEVLSGVVVISSKDSVQHQGVSLTMEGTVNLQLSAKSVGVFEAFYNSVKPIQIINSTIEMVK
PGKFPSGKTEIPFEFPLHLKGNKVLYETYHGVFVNIQYTLRCDMKRSLLAKDLTKTCEFIVHSAPQKGKFTPSPVDFTIT
PETLQNVKERALLPKFLLRGHLNSTNCVITQPLTGELVVESSEAAIRSVELQLVRVETCGCAEGYARDATEIQNIQIADG
DVCRGLSVPIYMVFPRLFTCPTLETTNFKVEFEVNIVVLLHPDHLITENFPLKLCRI
;
C
4 'polypeptide(L)' ASASDVHGNFAFEGIGDEDL D
#
# COMPACT_ATOMS: atom_id res chain seq x y z
N GLU A 115 -7.40 -3.10 -2.29
CA GLU A 115 -8.48 -3.51 -1.41
C GLU A 115 -8.37 -2.86 -0.03
N PRO A 116 -7.19 -2.93 0.61
CA PRO A 116 -7.04 -2.30 1.93
C PRO A 116 -7.22 -0.79 1.86
N TRP A 117 -7.81 -0.24 2.92
CA TRP A 117 -8.10 1.19 2.95
C TRP A 117 -6.83 2.01 3.16
N THR A 118 -5.85 1.45 3.88
CA THR A 118 -4.64 2.21 4.16
C THR A 118 -3.99 2.74 2.88
N ASN A 119 -4.04 1.95 1.81
CA ASN A 119 -3.50 2.41 0.53
C ASN A 119 -4.26 3.64 0.05
N LYS A 120 -5.59 3.57 0.04
CA LYS A 120 -6.38 4.72 -0.37
C LYS A 120 -6.28 5.85 0.64
N ARG A 121 -6.08 5.53 1.92
CA ARG A 121 -5.81 6.57 2.90
C ARG A 121 -4.58 7.37 2.51
N GLY A 122 -3.47 6.69 2.23
CA GLY A 122 -2.27 7.39 1.81
C GLY A 122 -2.48 8.14 0.51
N GLU A 123 -3.22 7.55 -0.42
CA GLU A 123 -3.49 8.24 -1.69
C GLU A 123 -4.22 9.56 -1.46
N ILE A 124 -5.30 9.52 -0.68
CA ILE A 124 -6.07 10.73 -0.42
C ILE A 124 -5.23 11.75 0.32
N LEU A 125 -4.45 11.29 1.31
CA LEU A 125 -3.61 12.22 2.07
C LEU A 125 -2.60 12.89 1.17
N ALA A 126 -1.97 12.13 0.27
CA ALA A 126 -0.93 12.70 -0.58
C ALA A 126 -1.52 13.60 -1.67
N ARG A 127 -2.77 13.34 -2.07
CA ARG A 127 -3.38 14.11 -3.14
C ARG A 127 -4.08 15.37 -2.66
N TYR A 128 -4.58 15.38 -1.42
CA TYR A 128 -5.45 16.46 -0.94
C TYR A 128 -4.81 17.27 0.19
N THR A 129 -3.49 17.39 0.18
CA THR A 129 -2.80 18.34 1.06
C THR A 129 -3.08 19.74 0.53
N THR A 130 -4.06 20.42 1.14
CA THR A 130 -4.56 21.68 0.63
C THR A 130 -4.61 22.71 1.74
N THR A 131 -4.58 23.98 1.33
CA THR A 131 -4.61 25.09 2.26
C THR A 131 -6.03 25.31 2.80
N THR A 180 -3.39 26.38 11.22
CA THR A 180 -2.87 25.92 9.94
C THR A 180 -3.27 24.47 9.72
N GLN A 181 -3.27 24.04 8.45
CA GLN A 181 -3.66 22.67 8.14
C GLN A 181 -2.81 21.67 8.92
N GLN A 182 -1.49 21.89 8.96
CA GLN A 182 -0.64 21.05 9.81
C GLN A 182 -1.05 21.17 11.27
N ASP A 183 -1.30 22.40 11.73
CA ASP A 183 -1.80 22.57 13.10
C ASP A 183 -3.15 21.92 13.28
N TYR A 184 -3.98 21.91 12.24
CA TYR A 184 -5.30 21.28 12.36
C TYR A 184 -5.17 19.78 12.52
N VAL A 185 -4.30 19.13 11.74
CA VAL A 185 -4.07 17.70 11.91
C VAL A 185 -3.43 17.43 13.26
N ASN A 186 -2.58 18.35 13.73
CA ASN A 186 -2.02 18.21 15.07
C ASN A 186 -3.12 18.23 16.12
N ARG A 187 -4.11 19.11 15.96
CA ARG A 187 -5.24 19.13 16.88
C ARG A 187 -6.03 17.82 16.81
N ILE A 188 -6.22 17.29 15.60
CA ILE A 188 -6.94 16.02 15.46
C ILE A 188 -6.21 14.92 16.24
N GLU A 189 -4.89 14.84 16.06
CA GLU A 189 -4.14 13.81 16.75
C GLU A 189 -4.04 14.08 18.25
N GLU A 190 -4.08 15.35 18.65
CA GLU A 190 -4.16 15.66 20.07
C GLU A 190 -5.47 15.17 20.67
N LEU A 191 -6.57 15.35 19.95
CA LEU A 191 -7.84 14.80 20.42
C LEU A 191 -7.78 13.28 20.48
N ASN A 192 -7.11 12.65 19.52
CA ASN A 192 -6.94 11.20 19.59
C ASN A 192 -6.15 10.80 20.84
N GLN A 193 -5.08 11.54 21.14
CA GLN A 193 -4.28 11.23 22.31
C GLN A 193 -5.08 11.43 23.59
N SER A 194 -5.88 12.49 23.65
CA SER A 194 -6.74 12.72 24.81
C SER A 194 -7.76 11.60 24.95
N LEU A 195 -8.34 11.15 23.83
CA LEU A 195 -9.21 9.99 23.86
C LEU A 195 -8.50 8.79 24.49
N LYS A 196 -7.29 8.50 24.00
CA LYS A 196 -6.58 7.32 24.50
C LYS A 196 -6.30 7.44 25.98
N ASP A 197 -5.81 8.59 26.43
CA ASP A 197 -5.48 8.78 27.84
C ASP A 197 -6.73 8.71 28.71
N ALA A 198 -7.81 9.38 28.31
CA ALA A 198 -9.04 9.36 29.10
C ALA A 198 -9.60 7.95 29.20
N TRP A 199 -9.57 7.20 28.09
CA TRP A 199 -10.06 5.83 28.13
C TRP A 199 -9.18 4.97 29.02
N ALA A 200 -7.86 5.21 29.00
CA ALA A 200 -6.97 4.45 29.86
C ALA A 200 -7.31 4.63 31.33
N SER A 201 -7.75 5.84 31.71
CA SER A 201 -8.11 6.14 33.09
C SER A 201 -9.53 5.74 33.44
N ASP A 202 -10.13 4.82 32.68
CA ASP A 202 -11.46 4.28 32.96
C ASP A 202 -12.55 5.34 32.92
N GLN A 203 -12.34 6.44 32.17
CA GLN A 203 -13.37 7.44 31.94
C GLN A 203 -14.00 7.16 30.57
N LYS A 204 -14.90 6.18 30.54
CA LYS A 204 -15.52 5.78 29.28
C LYS A 204 -16.33 6.91 28.67
N VAL A 205 -17.10 7.62 29.49
CA VAL A 205 -17.97 8.67 28.97
C VAL A 205 -17.15 9.80 28.37
N LYS A 206 -15.97 10.10 28.95
CA LYS A 206 -15.13 11.12 28.35
C LYS A 206 -14.69 10.70 26.96
N ALA A 207 -14.32 9.43 26.79
CA ALA A 207 -13.96 8.93 25.47
C ALA A 207 -15.11 9.10 24.48
N LEU A 208 -16.31 8.69 24.88
CA LEU A 208 -17.45 8.80 23.97
C LEU A 208 -17.74 10.25 23.61
N LYS A 209 -17.68 11.15 24.59
CA LYS A 209 -17.97 12.55 24.32
C LYS A 209 -16.92 13.16 23.40
N ILE A 210 -15.65 12.84 23.62
CA ILE A 210 -14.60 13.39 22.74
C ILE A 210 -14.75 12.85 21.33
N VAL A 211 -15.15 11.59 21.20
CA VAL A 211 -15.34 11.04 19.85
C VAL A 211 -16.52 11.69 19.16
N ILE A 212 -17.59 11.98 19.90
CA ILE A 212 -18.69 12.76 19.31
C ILE A 212 -18.19 14.13 18.88
N GLN A 213 -17.41 14.79 19.73
CA GLN A 213 -16.84 16.08 19.36
C GLN A 213 -16.06 15.99 18.06
N CYS A 214 -15.27 14.94 17.91
CA CYS A 214 -14.46 14.79 16.70
C CYS A 214 -15.34 14.56 15.48
N SER A 215 -16.25 13.59 15.56
CA SER A 215 -17.10 13.28 14.41
C SER A 215 -17.98 14.45 14.02
N LYS A 216 -18.27 15.36 14.96
CA LYS A 216 -19.03 16.55 14.60
C LYS A 216 -18.30 17.41 13.59
N LEU A 217 -16.98 17.30 13.50
CA LEU A 217 -16.21 18.13 12.57
C LEU A 217 -16.39 17.70 11.11
N LEU A 218 -16.93 16.51 10.87
CA LEU A 218 -17.18 16.06 9.51
C LEU A 218 -18.51 16.54 8.96
N SER A 219 -19.38 17.10 9.80
CA SER A 219 -20.63 17.68 9.33
C SER A 219 -20.45 19.08 8.75
N ASP A 220 -19.31 19.71 8.98
CA ASP A 220 -19.03 21.05 8.49
C ASP A 220 -18.02 20.97 7.35
N THR A 221 -18.19 21.86 6.36
CA THR A 221 -17.37 21.87 5.17
C THR A 221 -16.86 23.28 4.89
N SER A 222 -16.31 23.93 5.92
CA SER A 222 -15.79 25.28 5.75
C SER A 222 -14.60 25.30 4.80
N VAL A 223 -13.61 24.45 5.06
CA VAL A 223 -12.45 24.29 4.17
C VAL A 223 -12.81 23.16 3.22
N ILE A 224 -13.45 23.50 2.10
CA ILE A 224 -14.02 22.49 1.23
C ILE A 224 -12.93 21.62 0.61
N GLN A 225 -11.81 22.24 0.21
CA GLN A 225 -10.79 21.50 -0.53
C GLN A 225 -10.21 20.38 0.31
N PHE A 226 -9.95 20.64 1.59
CA PHE A 226 -9.23 19.72 2.47
C PHE A 226 -10.11 18.60 3.01
N TYR A 227 -11.41 18.60 2.71
CA TYR A 227 -12.33 17.70 3.38
C TYR A 227 -11.91 16.23 3.35
N PRO A 228 -11.45 15.67 2.24
CA PRO A 228 -11.14 14.22 2.24
C PRO A 228 -10.07 13.82 3.26
N SER A 229 -9.05 14.64 3.47
CA SER A 229 -8.04 14.31 4.46
C SER A 229 -8.57 14.46 5.87
N LYS A 230 -9.42 15.46 6.10
CA LYS A 230 -10.15 15.55 7.36
C LYS A 230 -10.94 14.27 7.60
N PHE A 231 -11.61 13.79 6.57
CA PHE A 231 -12.32 12.52 6.64
C PHE A 231 -11.39 11.40 7.09
N VAL A 232 -10.24 11.29 6.43
CA VAL A 232 -9.31 10.20 6.74
C VAL A 232 -8.89 10.26 8.22
N LEU A 233 -8.44 11.43 8.66
CA LEU A 233 -7.90 11.55 10.02
C LEU A 233 -8.99 11.29 11.07
N ILE A 234 -10.14 11.97 10.93
CA ILE A 234 -11.17 11.84 11.94
C ILE A 234 -11.74 10.43 11.93
N THR A 235 -11.83 9.79 10.76
CA THR A 235 -12.26 8.40 10.73
C THR A 235 -11.22 7.48 11.35
N ASP A 236 -9.95 7.84 11.30
CA ASP A 236 -8.95 7.05 12.00
C ASP A 236 -9.19 7.10 13.51
N ILE A 237 -9.47 8.30 14.04
CA ILE A 237 -9.80 8.38 15.47
C ILE A 237 -11.08 7.60 15.76
N LEU A 238 -12.04 7.66 14.84
CA LEU A 238 -13.30 6.96 15.02
C LEU A 238 -13.07 5.45 15.10
N ASP A 239 -12.19 4.92 14.25
CA ASP A 239 -11.88 3.50 14.29
C ASP A 239 -11.08 3.14 15.55
N THR A 240 -10.26 4.07 16.04
CA THR A 240 -9.60 3.84 17.32
C THR A 240 -10.63 3.65 18.43
N PHE A 241 -11.65 4.52 18.45
CA PHE A 241 -12.76 4.32 19.40
C PHE A 241 -13.41 2.96 19.23
N GLY A 242 -13.66 2.57 17.98
CA GLY A 242 -14.28 1.28 17.75
C GLY A 242 -13.47 0.14 18.34
N LYS A 243 -12.16 0.14 18.08
CA LYS A 243 -11.29 -0.91 18.63
C LYS A 243 -11.29 -0.90 20.15
N LEU A 244 -11.16 0.30 20.73
CA LEU A 244 -11.11 0.41 22.19
C LEU A 244 -12.35 -0.22 22.81
N VAL A 245 -13.53 0.23 22.39
CA VAL A 245 -14.75 -0.26 23.00
C VAL A 245 -14.92 -1.74 22.72
N TYR A 246 -14.58 -2.20 21.52
CA TYR A 246 -14.80 -3.61 21.20
C TYR A 246 -13.97 -4.50 22.10
N GLU A 247 -12.69 -4.19 22.27
CA GLU A 247 -11.87 -5.03 23.12
C GLU A 247 -12.22 -4.85 24.59
N ARG A 248 -12.82 -3.74 24.98
CA ARG A 248 -13.26 -3.61 26.37
C ARG A 248 -14.43 -4.55 26.65
N ILE A 249 -15.42 -4.58 25.76
CA ILE A 249 -16.53 -5.52 25.93
C ILE A 249 -16.05 -6.96 25.80
N PHE A 250 -15.08 -7.21 24.92
CA PHE A 250 -14.53 -8.55 24.84
C PHE A 250 -13.79 -8.92 26.11
N SER A 251 -13.20 -7.92 26.78
CA SER A 251 -12.56 -8.17 28.08
C SER A 251 -13.59 -8.59 29.11
N MET A 252 -14.73 -7.89 29.16
CA MET A 252 -15.76 -8.32 30.11
C MET A 252 -16.18 -9.76 29.85
N CYS A 253 -16.12 -10.20 28.60
CA CYS A 253 -16.62 -11.53 28.25
C CYS A 253 -15.54 -12.59 28.41
N PHE A 264 -16.91 -18.89 21.10
CA PHE A 264 -17.77 -17.78 21.46
C PHE A 264 -19.04 -17.76 20.62
N SER A 265 -20.10 -17.19 21.19
CA SER A 265 -21.34 -16.95 20.48
C SER A 265 -22.05 -15.79 21.15
N PRO A 266 -22.85 -15.01 20.42
CA PRO A 266 -23.61 -13.94 21.09
C PRO A 266 -24.47 -14.46 22.22
N GLU A 267 -25.07 -15.64 22.04
CA GLU A 267 -25.78 -16.29 23.14
C GLU A 267 -24.82 -16.63 24.27
N ASN A 268 -23.65 -17.16 23.94
CA ASN A 268 -22.67 -17.49 24.97
C ASN A 268 -22.19 -16.26 25.73
N ALA A 269 -22.31 -15.07 25.15
CA ALA A 269 -21.88 -13.86 25.82
C ALA A 269 -22.63 -13.70 27.14
N ASN A 270 -21.90 -13.36 28.19
CA ASN A 270 -22.51 -13.19 29.49
C ASN A 270 -23.39 -11.94 29.51
N ASP A 271 -24.36 -11.93 30.43
CA ASP A 271 -25.34 -10.86 30.48
C ASP A 271 -24.73 -9.53 30.91
N THR A 272 -23.63 -9.55 31.66
CA THR A 272 -23.02 -8.30 32.11
C THR A 272 -22.47 -7.49 30.93
N ALA A 273 -21.71 -8.14 30.06
CA ALA A 273 -21.20 -7.45 28.87
C ALA A 273 -22.35 -7.01 27.98
N LYS A 274 -23.42 -7.80 27.92
CA LYS A 274 -24.60 -7.39 27.16
C LYS A 274 -25.18 -6.11 27.73
N GLU A 275 -25.27 -6.01 29.06
CA GLU A 275 -25.78 -4.80 29.67
C GLU A 275 -24.89 -3.61 29.35
N THR A 276 -23.58 -3.80 29.42
CA THR A 276 -22.66 -2.69 29.14
C THR A 276 -22.79 -2.22 27.69
N CYS A 277 -22.90 -3.16 26.75
CA CYS A 277 -22.97 -2.74 25.35
C CYS A 277 -24.34 -2.15 25.00
N LEU A 278 -25.42 -2.63 25.63
CA LEU A 278 -26.70 -1.95 25.47
C LEU A 278 -26.64 -0.54 26.02
N ASN A 279 -25.94 -0.36 27.15
CA ASN A 279 -25.75 0.98 27.68
C ASN A 279 -24.99 1.84 26.68
N TRP A 280 -23.96 1.27 26.04
CA TRP A 280 -23.22 2.01 25.02
C TRP A 280 -24.14 2.45 23.89
N PHE A 281 -24.94 1.51 23.38
CA PHE A 281 -25.81 1.81 22.24
C PHE A 281 -26.85 2.86 22.60
N PHE A 282 -27.46 2.75 23.78
CA PHE A 282 -28.43 3.76 24.18
C PHE A 282 -27.76 5.09 24.49
N LYS A 283 -26.49 5.06 24.88
CA LYS A 283 -25.75 6.30 25.07
C LYS A 283 -25.55 7.02 23.75
N ILE A 284 -25.12 6.29 22.73
CA ILE A 284 -24.86 6.92 21.43
C ILE A 284 -26.16 7.31 20.75
N ALA A 285 -27.21 6.48 20.88
CA ALA A 285 -28.47 6.70 20.17
C ALA A 285 -29.29 7.80 20.76
N SER A 286 -28.74 8.61 21.66
CA SER A 286 -29.43 9.75 22.21
C SER A 286 -28.72 11.07 21.89
N ILE A 287 -27.91 11.09 20.83
CA ILE A 287 -27.22 12.31 20.44
C ILE A 287 -28.17 13.19 19.64
N ARG A 288 -27.93 14.50 19.70
CA ARG A 288 -28.86 15.46 19.11
C ARG A 288 -28.70 15.56 17.59
N GLU A 289 -27.50 15.38 17.07
CA GLU A 289 -27.22 15.62 15.66
C GLU A 289 -27.13 14.29 14.90
N LEU A 290 -27.51 14.34 13.62
CA LEU A 290 -27.59 13.12 12.83
C LEU A 290 -26.20 12.61 12.47
N ILE A 291 -25.32 13.48 11.99
CA ILE A 291 -24.03 13.07 11.48
C ILE A 291 -23.17 12.48 12.59
N PRO A 292 -23.05 13.13 13.76
CA PRO A 292 -22.32 12.50 14.87
C PRO A 292 -22.91 11.16 15.28
N ARG A 293 -24.24 11.05 15.29
CA ARG A 293 -24.86 9.79 15.63
C ARG A 293 -24.45 8.71 14.63
N PHE A 294 -24.52 9.03 13.35
CA PHE A 294 -24.13 8.07 12.32
C PHE A 294 -22.68 7.64 12.47
N TYR A 295 -21.79 8.61 12.70
CA TYR A 295 -20.37 8.29 12.79
C TYR A 295 -20.07 7.44 14.01
N VAL A 296 -20.57 7.84 15.18
CA VAL A 296 -20.27 7.13 16.42
C VAL A 296 -21.09 5.84 16.56
N GLU A 297 -22.05 5.60 15.67
CA GLU A 297 -22.74 4.33 15.67
C GLU A 297 -22.11 3.36 14.69
N ALA A 298 -21.86 3.80 13.46
CA ALA A 298 -21.18 2.95 12.49
C ALA A 298 -19.80 2.58 12.97
N SER A 299 -19.20 3.42 13.82
CA SER A 299 -17.87 3.12 14.36
C SER A 299 -17.90 1.83 15.17
N ILE A 300 -18.90 1.68 16.01
CA ILE A 300 -19.00 0.53 16.91
C ILE A 300 -19.99 -0.50 16.39
N LEU A 301 -20.23 -0.53 15.08
CA LEU A 301 -21.13 -1.51 14.50
C LEU A 301 -20.74 -2.91 14.91
N LYS A 302 -19.43 -3.17 15.04
CA LYS A 302 -18.96 -4.51 15.40
C LYS A 302 -19.61 -4.98 16.69
N CYS A 303 -19.77 -4.07 17.66
CA CYS A 303 -20.30 -4.45 18.96
C CYS A 303 -21.69 -5.07 18.84
N ASN A 304 -22.40 -4.81 17.75
CA ASN A 304 -23.73 -5.37 17.59
C ASN A 304 -23.72 -6.89 17.47
N LYS A 305 -22.54 -7.49 17.28
CA LYS A 305 -22.47 -8.95 17.22
C LYS A 305 -22.99 -9.57 18.50
N PHE A 306 -22.66 -8.97 19.65
CA PHE A 306 -23.05 -9.55 20.93
C PHE A 306 -24.56 -9.57 21.13
N LEU A 307 -25.25 -8.51 20.72
CA LEU A 307 -26.67 -8.41 20.99
C LEU A 307 -27.44 -9.56 20.34
N SER A 308 -27.14 -9.87 19.08
CA SER A 308 -27.87 -10.92 18.38
C SER A 308 -27.02 -11.41 17.22
N LYS A 309 -27.44 -12.54 16.66
CA LYS A 309 -26.74 -13.11 15.51
C LYS A 309 -26.83 -12.20 14.28
N THR A 310 -27.78 -11.28 14.25
CA THR A 310 -28.06 -10.48 13.07
C THR A 310 -28.03 -8.98 13.39
N GLY A 311 -27.19 -8.57 14.34
CA GLY A 311 -27.14 -7.17 14.71
C GLY A 311 -26.65 -6.29 13.57
N ILE A 312 -25.56 -6.72 12.92
CA ILE A 312 -24.99 -5.92 11.84
C ILE A 312 -25.95 -5.85 10.65
N SER A 313 -26.57 -6.98 10.30
CA SER A 313 -27.47 -7.00 9.15
C SER A 313 -28.67 -6.11 9.40
N GLU A 314 -29.23 -6.14 10.62
CA GLU A 314 -30.38 -5.32 10.95
C GLU A 314 -30.02 -3.86 11.20
N CYS A 315 -28.75 -3.56 11.48
CA CYS A 315 -28.33 -2.20 11.76
C CYS A 315 -27.77 -1.47 10.56
N LEU A 316 -27.34 -2.19 9.52
CA LEU A 316 -26.68 -1.53 8.40
C LEU A 316 -27.68 -0.81 7.50
N PRO A 317 -28.78 -1.45 7.07
CA PRO A 317 -29.74 -0.72 6.22
C PRO A 317 -30.25 0.55 6.87
N ARG A 318 -30.47 0.52 8.18
CA ARG A 318 -30.86 1.73 8.89
C ARG A 318 -29.80 2.80 8.77
N LEU A 319 -28.53 2.40 8.87
CA LEU A 319 -27.44 3.35 8.72
C LEU A 319 -27.41 3.95 7.32
N THR A 320 -27.64 3.13 6.29
CA THR A 320 -27.68 3.65 4.93
C THR A 320 -28.83 4.63 4.76
N CYS A 321 -29.99 4.31 5.31
CA CYS A 321 -31.14 5.20 5.16
C CYS A 321 -30.95 6.50 5.93
N MET A 322 -30.25 6.45 7.05
CA MET A 322 -30.05 7.66 7.84
C MET A 322 -29.28 8.73 7.08
N ILE A 323 -28.51 8.33 6.05
CA ILE A 323 -27.73 9.31 5.29
C ILE A 323 -28.66 10.23 4.52
N ARG A 324 -29.83 9.75 4.11
CA ARG A 324 -30.77 10.59 3.35
C ARG A 324 -31.03 11.92 4.03
N GLY A 325 -30.78 12.01 5.33
CA GLY A 325 -30.95 13.25 6.05
C GLY A 325 -29.84 14.25 5.85
N ILE A 326 -28.79 13.88 5.12
CA ILE A 326 -27.67 14.78 4.85
C ILE A 326 -27.85 15.31 3.44
N GLY A 327 -28.01 16.63 3.32
CA GLY A 327 -28.27 17.24 2.04
C GLY A 327 -27.03 17.54 1.24
N ASP A 328 -26.07 18.22 1.87
CA ASP A 328 -24.81 18.55 1.20
C ASP A 328 -24.23 17.28 0.61
N PRO A 329 -24.23 17.12 -0.72
CA PRO A 329 -23.89 15.82 -1.30
C PRO A 329 -22.47 15.37 -1.01
N LEU A 330 -21.54 16.28 -0.75
CA LEU A 330 -20.18 15.87 -0.42
C LEU A 330 -20.16 15.07 0.88
N VAL A 331 -20.82 15.59 1.91
CA VAL A 331 -20.87 14.89 3.20
C VAL A 331 -21.64 13.58 3.05
N SER A 332 -22.70 13.58 2.25
CA SER A 332 -23.45 12.35 2.03
C SER A 332 -22.57 11.28 1.38
N VAL A 333 -21.82 11.65 0.35
CA VAL A 333 -21.02 10.67 -0.36
C VAL A 333 -19.88 10.17 0.52
N TYR A 334 -19.28 11.05 1.33
CA TYR A 334 -18.20 10.58 2.19
C TYR A 334 -18.72 9.75 3.35
N ALA A 335 -19.94 10.04 3.83
CA ALA A 335 -20.56 9.16 4.83
C ALA A 335 -20.82 7.79 4.24
N ARG A 336 -21.29 7.73 2.99
CA ARG A 336 -21.44 6.43 2.32
C ARG A 336 -20.09 5.75 2.18
N ALA A 337 -19.04 6.51 1.89
CA ALA A 337 -17.70 5.94 1.81
C ALA A 337 -17.30 5.29 3.12
N TYR A 338 -17.49 6.00 4.23
CA TYR A 338 -17.13 5.44 5.54
C TYR A 338 -17.98 4.22 5.86
N LEU A 339 -19.27 4.27 5.53
CA LEU A 339 -20.14 3.14 5.84
C LEU A 339 -19.72 1.90 5.07
N CYS A 340 -19.41 2.07 3.77
CA CYS A 340 -18.92 0.95 2.99
C CYS A 340 -17.58 0.46 3.53
N ARG A 341 -16.73 1.38 3.98
CA ARG A 341 -15.45 1.01 4.56
C ARG A 341 -15.65 0.12 5.78
N VAL A 342 -16.56 0.52 6.68
CA VAL A 342 -16.79 -0.25 7.89
C VAL A 342 -17.48 -1.57 7.57
N GLY A 343 -18.36 -1.58 6.57
CA GLY A 343 -18.99 -2.83 6.19
C GLY A 343 -17.99 -3.83 5.64
N MET A 344 -17.03 -3.34 4.87
CA MET A 344 -15.97 -4.21 4.28
C MET A 344 -15.02 -4.64 5.40
N GLU A 345 -14.73 -3.76 6.38
CA GLU A 345 -13.78 -4.07 7.44
C GLU A 345 -14.37 -4.93 8.54
N VAL A 346 -15.70 -4.98 8.67
CA VAL A 346 -16.37 -5.68 9.77
C VAL A 346 -17.14 -6.90 9.27
N ALA A 347 -18.13 -6.68 8.42
CA ALA A 347 -19.00 -7.75 7.92
C ALA A 347 -19.04 -7.67 6.41
N PRO A 348 -17.95 -8.07 5.74
CA PRO A 348 -17.93 -7.98 4.27
C PRO A 348 -19.05 -8.75 3.59
N HIS A 349 -19.45 -9.89 4.14
CA HIS A 349 -20.54 -10.66 3.56
C HIS A 349 -21.84 -9.86 3.60
N GLU A 352 -24.14 -7.04 -0.26
CA GLU A 352 -25.38 -6.93 -1.00
C GLU A 352 -26.18 -5.76 -0.45
N THR A 353 -26.29 -5.71 0.89
CA THR A 353 -27.04 -4.63 1.52
C THR A 353 -26.37 -3.28 1.27
N LEU A 354 -25.04 -3.25 1.25
CA LEU A 354 -24.34 -2.00 1.01
C LEU A 354 -24.70 -1.41 -0.35
N ASN A 355 -25.10 -2.26 -1.30
CA ASN A 355 -25.29 -1.80 -2.68
C ASN A 355 -26.21 -0.59 -2.72
N LYS A 356 -27.33 -0.65 -1.99
CA LYS A 356 -28.31 0.43 -2.04
C LYS A 356 -27.65 1.79 -1.94
N ASN A 357 -26.56 1.89 -1.17
CA ASN A 357 -25.86 3.16 -1.02
C ASN A 357 -25.72 3.87 -2.35
N PHE A 358 -25.09 3.20 -3.32
CA PHE A 358 -24.85 3.82 -4.62
C PHE A 358 -26.15 4.36 -5.22
N PHE A 359 -27.20 3.52 -5.23
CA PHE A 359 -28.47 3.99 -5.79
C PHE A 359 -28.91 5.27 -5.09
N ASP A 360 -28.83 5.29 -3.77
CA ASP A 360 -29.23 6.49 -3.05
C ASP A 360 -28.39 7.68 -3.50
N PHE A 361 -27.07 7.48 -3.64
CA PHE A 361 -26.22 8.53 -4.19
C PHE A 361 -26.77 9.01 -5.53
N LEU A 362 -27.12 8.07 -6.41
CA LEU A 362 -27.71 8.45 -7.68
C LEU A 362 -28.95 9.30 -7.46
N LEU A 363 -29.81 8.88 -6.54
CA LEU A 363 -31.04 9.62 -6.29
C LEU A 363 -30.74 11.04 -5.83
N THR A 364 -29.59 11.25 -5.19
CA THR A 364 -29.15 12.57 -4.79
C THR A 364 -28.00 13.10 -5.64
N PHE A 365 -27.59 12.36 -6.68
CA PHE A 365 -26.52 12.85 -7.54
C PHE A 365 -26.88 14.20 -8.11
N LYS A 366 -28.13 14.37 -8.55
CA LYS A 366 -28.56 15.65 -9.11
C LYS A 366 -28.24 16.82 -8.20
N GLN A 367 -28.03 16.57 -6.90
CA GLN A 367 -27.67 17.65 -6.00
C GLN A 367 -26.32 18.25 -6.36
N ILE A 368 -25.45 17.47 -7.02
CA ILE A 368 -24.10 17.95 -7.30
C ILE A 368 -24.14 19.18 -8.18
N HIS A 369 -25.01 19.12 -9.20
CA HIS A 369 -25.18 20.24 -10.18
C HIS A 369 -26.48 20.97 -9.83
N GLY A 370 -27.21 20.59 -8.76
CA GLY A 370 -28.38 21.33 -8.34
C GLY A 370 -28.01 22.69 -7.79
N ASP A 371 -28.94 23.64 -7.94
CA ASP A 371 -28.60 25.05 -7.75
C ASP A 371 -28.07 25.33 -6.35
N THR A 372 -28.62 24.66 -5.34
CA THR A 372 -28.26 24.96 -3.96
C THR A 372 -26.76 24.74 -3.72
N VAL A 373 -26.23 23.63 -4.22
CA VAL A 373 -24.80 23.38 -4.08
C VAL A 373 -24.02 24.45 -4.83
N GLN A 374 -24.54 24.90 -5.97
CA GLN A 374 -23.80 25.85 -6.80
C GLN A 374 -23.67 27.19 -6.09
N ASN A 375 -24.76 27.69 -5.50
CA ASN A 375 -24.63 28.97 -4.81
C ASN A 375 -23.89 28.81 -3.49
N GLN A 376 -23.95 27.63 -2.85
CA GLN A 376 -23.04 27.39 -1.74
C GLN A 376 -21.60 27.58 -2.18
N LEU A 377 -21.22 26.95 -3.30
CA LEU A 377 -19.86 27.08 -3.80
C LEU A 377 -19.52 28.54 -4.09
N VAL A 378 -20.37 29.21 -4.85
CA VAL A 378 -20.09 30.57 -5.28
C VAL A 378 -20.03 31.52 -4.08
N VAL A 379 -20.64 31.14 -2.97
CA VAL A 379 -20.51 31.94 -1.75
C VAL A 379 -19.22 31.60 -0.99
N GLN A 380 -18.74 30.35 -1.08
CA GLN A 380 -17.51 30.01 -0.38
C GLN A 380 -16.28 30.49 -1.14
N GLY A 381 -16.37 30.58 -2.47
CA GLY A 381 -15.24 31.04 -3.26
C GLY A 381 -14.50 29.91 -3.97
N VAL A 382 -15.26 28.98 -4.55
CA VAL A 382 -14.70 27.83 -5.26
C VAL A 382 -15.42 27.69 -6.59
N GLU A 383 -14.76 27.06 -7.54
CA GLU A 383 -15.30 26.88 -8.88
C GLU A 383 -15.61 25.42 -9.14
N LEU A 384 -16.66 25.19 -9.93
CA LEU A 384 -17.14 23.84 -10.21
C LEU A 384 -16.03 22.89 -10.67
N PRO A 385 -15.18 23.25 -11.64
CA PRO A 385 -14.12 22.31 -12.04
C PRO A 385 -13.17 21.94 -10.92
N SER A 386 -13.07 22.76 -9.88
CA SER A 386 -12.28 22.41 -8.70
C SER A 386 -13.11 21.74 -7.62
N TYR A 387 -14.40 22.07 -7.52
CA TYR A 387 -15.27 21.43 -6.54
C TYR A 387 -15.46 19.95 -6.86
N LEU A 388 -15.83 19.64 -8.10
CA LEU A 388 -16.09 18.26 -8.47
C LEU A 388 -14.93 17.34 -8.15
N PRO A 389 -13.67 17.71 -8.41
CA PRO A 389 -12.54 16.80 -8.12
C PRO A 389 -12.35 16.42 -6.66
N LEU A 390 -13.23 16.86 -5.76
CA LEU A 390 -13.17 16.37 -4.38
C LEU A 390 -13.92 15.06 -4.19
N TYR A 391 -14.79 14.70 -5.12
CA TYR A 391 -15.58 13.48 -5.08
C TYR A 391 -14.81 12.23 -5.49
N PRO A 392 -13.88 12.31 -6.44
CA PRO A 392 -13.33 11.09 -7.05
C PRO A 392 -12.91 10.06 -6.03
N PRO A 393 -12.27 10.45 -4.92
CA PRO A 393 -11.85 9.42 -3.94
C PRO A 393 -13.02 8.70 -3.30
N ALA A 394 -13.99 9.45 -2.77
CA ALA A 394 -15.13 8.82 -2.10
C ALA A 394 -15.94 7.98 -3.07
N MET A 395 -16.23 8.51 -4.25
CA MET A 395 -16.99 7.75 -5.23
C MET A 395 -16.21 6.52 -5.68
N ASP A 396 -14.90 6.66 -5.86
CA ASP A 396 -14.10 5.52 -6.28
C ASP A 396 -14.16 4.42 -5.25
N TRP A 397 -14.04 4.77 -3.96
CA TRP A 397 -14.14 3.76 -2.92
C TRP A 397 -15.54 3.13 -2.91
N ILE A 398 -16.57 3.93 -3.09
CA ILE A 398 -17.93 3.39 -3.08
C ILE A 398 -18.10 2.37 -4.21
N PHE A 399 -17.68 2.75 -5.42
CA PHE A 399 -17.82 1.85 -6.57
C PHE A 399 -16.94 0.63 -6.42
N GLN A 400 -15.75 0.79 -5.83
CA GLN A 400 -14.89 -0.37 -5.61
C GLN A 400 -15.52 -1.35 -4.63
N CYS A 401 -16.14 -0.82 -3.57
CA CYS A 401 -16.75 -1.69 -2.57
C CYS A 401 -17.96 -2.42 -3.14
N ILE A 402 -18.86 -1.69 -3.81
CA ILE A 402 -20.08 -2.34 -4.32
C ILE A 402 -19.76 -3.26 -5.49
N SER A 403 -18.92 -2.81 -6.42
CA SER A 403 -18.62 -3.59 -7.61
C SER A 403 -17.73 -4.79 -7.31
N TYR A 404 -17.07 -4.80 -6.15
CA TYR A 404 -16.13 -5.86 -5.82
C TYR A 404 -16.76 -7.23 -6.06
N HIS A 405 -16.20 -7.98 -7.00
CA HIS A 405 -16.71 -9.29 -7.36
C HIS A 405 -18.18 -9.23 -7.76
N ALA A 406 -18.62 -8.07 -8.25
CA ALA A 406 -20.02 -7.91 -8.61
C ALA A 406 -20.34 -8.68 -9.89
N PRO A 407 -21.57 -9.11 -10.07
CA PRO A 407 -21.95 -9.81 -11.30
C PRO A 407 -22.02 -8.85 -12.48
N GLU A 408 -21.98 -9.44 -13.68
CA GLU A 408 -22.05 -8.64 -14.89
C GLU A 408 -23.36 -7.87 -14.97
N ALA A 409 -24.46 -8.49 -14.57
CA ALA A 409 -25.75 -7.83 -14.64
C ALA A 409 -25.79 -6.59 -13.76
N LEU A 410 -25.26 -6.69 -12.54
CA LEU A 410 -25.26 -5.54 -11.64
C LEU A 410 -24.43 -4.40 -12.22
N LEU A 411 -23.26 -4.72 -12.76
CA LEU A 411 -22.43 -3.67 -13.36
C LEU A 411 -23.13 -3.04 -14.56
N THR A 412 -23.81 -3.87 -15.35
CA THR A 412 -24.57 -3.35 -16.49
C THR A 412 -25.65 -2.40 -16.03
N GLU A 413 -26.38 -2.75 -14.97
CA GLU A 413 -27.40 -1.86 -14.44
C GLU A 413 -26.79 -0.56 -13.91
N MET A 414 -25.66 -0.68 -13.22
CA MET A 414 -24.98 0.51 -12.71
C MET A 414 -24.61 1.46 -13.85
N MET A 415 -23.97 0.93 -14.90
CA MET A 415 -23.59 1.77 -16.02
C MET A 415 -24.81 2.32 -16.74
N GLU A 416 -25.87 1.51 -16.85
CA GLU A 416 -27.09 1.97 -17.51
C GLU A 416 -27.68 3.17 -16.77
N ARG A 417 -27.70 3.11 -15.44
CA ARG A 417 -28.17 4.26 -14.68
C ARG A 417 -27.20 5.43 -14.77
N CYS A 418 -25.91 5.15 -14.84
CA CYS A 418 -24.91 6.21 -14.97
C CYS A 418 -24.99 6.89 -16.32
N LYS A 419 -25.59 6.26 -17.32
CA LYS A 419 -25.68 6.85 -18.65
C LYS A 419 -26.73 7.96 -18.70
N LYS A 420 -27.93 7.67 -18.19
CA LYS A 420 -29.04 8.62 -18.30
C LYS A 420 -28.87 9.83 -17.40
N LEU A 421 -27.98 9.76 -16.42
CA LEU A 421 -27.96 10.72 -15.31
C LEU A 421 -27.22 11.99 -15.72
N GLY A 422 -27.87 12.75 -16.59
CA GLY A 422 -27.43 14.09 -16.92
C GLY A 422 -25.95 14.24 -17.12
N ASN A 423 -25.30 14.99 -16.24
CA ASN A 423 -23.85 15.24 -16.33
C ASN A 423 -23.13 14.08 -15.67
N ASN A 424 -23.07 12.97 -16.40
CA ASN A 424 -22.43 11.75 -15.91
C ASN A 424 -20.92 11.75 -16.11
N ALA A 425 -20.31 12.91 -16.35
CA ALA A 425 -18.87 12.97 -16.58
C ALA A 425 -18.12 12.40 -15.38
N LEU A 426 -18.25 13.06 -14.22
CA LEU A 426 -17.59 12.58 -13.02
C LEU A 426 -18.00 11.16 -12.67
N LEU A 427 -19.27 10.81 -12.95
CA LEU A 427 -19.72 9.45 -12.70
C LEU A 427 -18.96 8.45 -13.57
N LEU A 428 -18.77 8.77 -14.84
CA LEU A 428 -18.00 7.87 -15.71
C LEU A 428 -16.55 7.81 -15.28
N ASN A 429 -16.01 8.94 -14.82
CA ASN A 429 -14.64 8.93 -14.29
C ASN A 429 -14.52 7.94 -13.15
N SER A 430 -15.46 8.00 -12.19
CA SER A 430 -15.43 7.07 -11.07
C SER A 430 -15.60 5.64 -11.54
N VAL A 431 -16.46 5.41 -12.54
CA VAL A 431 -16.63 4.07 -13.07
C VAL A 431 -15.30 3.54 -13.59
N MET A 432 -14.62 4.33 -14.42
CA MET A 432 -13.38 3.87 -15.01
C MET A 432 -12.27 3.73 -13.97
N SER A 433 -12.34 4.51 -12.89
CA SER A 433 -11.34 4.37 -11.84
C SER A 433 -11.57 3.11 -11.01
N ALA A 434 -12.83 2.77 -10.75
CA ALA A 434 -13.15 1.66 -9.86
C ALA A 434 -13.40 0.37 -10.63
N PHE A 435 -14.25 0.40 -11.65
CA PHE A 435 -14.60 -0.80 -12.38
C PHE A 435 -13.35 -1.50 -12.88
N ARG A 436 -13.45 -2.81 -13.10
CA ARG A 436 -12.33 -3.57 -13.61
C ARG A 436 -12.00 -3.14 -15.03
N ALA A 437 -10.69 -3.04 -15.33
CA ALA A 437 -10.27 -2.69 -16.67
C ALA A 437 -10.71 -3.72 -17.69
N GLU A 438 -10.84 -4.98 -17.27
CA GLU A 438 -11.37 -6.00 -18.18
C GLU A 438 -12.76 -5.61 -18.66
N PHE A 439 -13.59 -5.07 -17.77
CA PHE A 439 -14.93 -4.66 -18.13
C PHE A 439 -14.94 -3.34 -18.88
N ILE A 440 -14.06 -2.41 -18.54
CA ILE A 440 -14.05 -1.11 -19.19
C ILE A 440 -13.53 -1.20 -20.61
N ALA A 441 -12.59 -2.11 -20.87
CA ALA A 441 -11.98 -2.20 -22.19
C ALA A 441 -12.99 -2.65 -23.24
N THR A 442 -13.74 -3.71 -22.96
CA THR A 442 -14.69 -4.23 -23.94
C THR A 442 -15.84 -3.28 -24.20
N ARG A 443 -16.04 -2.27 -23.35
CA ARG A 443 -17.00 -1.20 -23.59
C ARG A 443 -16.32 0.06 -24.14
N SER A 444 -15.22 -0.12 -24.87
CA SER A 444 -14.42 1.03 -25.30
C SER A 444 -15.23 1.98 -26.18
N MET A 445 -15.97 1.44 -27.14
CA MET A 445 -16.75 2.30 -28.03
C MET A 445 -17.81 3.05 -27.25
N ASP A 446 -18.51 2.36 -26.34
CA ASP A 446 -19.55 3.02 -25.56
C ASP A 446 -18.98 4.15 -24.73
N PHE A 447 -17.84 3.92 -24.07
CA PHE A 447 -17.25 4.96 -23.24
C PHE A 447 -16.73 6.12 -24.09
N ILE A 448 -16.17 5.82 -25.26
CA ILE A 448 -15.71 6.89 -26.14
C ILE A 448 -16.88 7.77 -26.54
N GLY A 449 -17.99 7.15 -26.93
CA GLY A 449 -19.16 7.93 -27.28
C GLY A 449 -19.70 8.73 -26.12
N MET A 450 -19.75 8.12 -24.93
CA MET A 450 -20.26 8.82 -23.77
C MET A 450 -19.39 10.02 -23.43
N ILE A 451 -18.07 9.84 -23.48
CA ILE A 451 -17.16 10.95 -23.20
C ILE A 451 -17.32 12.04 -24.25
N LYS A 452 -17.57 11.65 -25.50
CA LYS A 452 -17.87 12.64 -26.52
C LYS A 452 -19.12 13.43 -26.17
N GLU A 453 -20.15 12.75 -25.66
CA GLU A 453 -21.40 13.41 -25.32
C GLU A 453 -21.28 14.29 -24.09
N CYS A 454 -20.29 14.07 -23.23
CA CYS A 454 -20.15 14.85 -22.01
C CYS A 454 -19.85 16.31 -22.35
N ASP A 455 -19.80 17.14 -21.32
CA ASP A 455 -19.58 18.57 -21.46
C ASP A 455 -18.23 18.95 -20.87
N GLU A 456 -17.54 19.87 -21.54
CA GLU A 456 -16.22 20.30 -21.11
C GLU A 456 -16.26 21.39 -20.05
N SER A 457 -17.44 21.94 -19.74
CA SER A 457 -17.51 23.01 -18.75
C SER A 457 -17.03 22.55 -17.39
N GLY A 458 -17.45 21.35 -16.98
CA GLY A 458 -17.12 20.86 -15.66
C GLY A 458 -15.88 20.00 -15.64
N PHE A 459 -16.06 18.71 -15.43
CA PHE A 459 -14.90 17.82 -15.35
C PHE A 459 -14.25 17.72 -16.73
N PRO A 460 -12.95 17.99 -16.84
CA PRO A 460 -12.29 17.85 -18.14
C PRO A 460 -12.40 16.44 -18.69
N LYS A 461 -12.51 16.35 -20.01
CA LYS A 461 -12.61 15.05 -20.69
C LYS A 461 -11.27 14.32 -20.74
N HIS A 462 -10.17 15.06 -20.62
CA HIS A 462 -8.85 14.43 -20.72
C HIS A 462 -8.65 13.41 -19.61
N LEU A 463 -9.15 13.69 -18.41
CA LEU A 463 -9.03 12.72 -17.33
C LEU A 463 -9.81 11.44 -17.65
N LEU A 464 -11.00 11.59 -18.23
CA LEU A 464 -11.79 10.40 -18.57
C LEU A 464 -11.07 9.54 -19.60
N PHE A 465 -10.49 10.17 -20.61
CA PHE A 465 -9.74 9.45 -21.69
C PHE A 465 -8.45 8.90 -21.09
N ARG A 466 -7.89 9.52 -20.05
CA ARG A 466 -6.72 8.99 -19.35
C ARG A 466 -7.06 7.71 -18.61
N SER A 467 -8.20 7.72 -17.92
CA SER A 467 -8.63 6.52 -17.22
C SER A 467 -8.93 5.41 -18.21
N LEU A 468 -9.52 5.76 -19.35
CA LEU A 468 -9.76 4.74 -20.37
C LEU A 468 -8.46 4.13 -20.86
N GLY A 469 -7.45 4.95 -21.09
CA GLY A 469 -6.14 4.43 -21.46
C GLY A 469 -5.54 3.55 -20.39
N LEU A 470 -5.67 3.97 -19.13
CA LEU A 470 -5.17 3.16 -18.03
C LEU A 470 -5.82 1.77 -18.04
N ASN A 471 -7.13 1.72 -18.20
CA ASN A 471 -7.81 0.43 -18.26
C ASN A 471 -7.35 -0.37 -19.48
N LEU A 472 -7.22 0.28 -20.62
CA LEU A 472 -6.76 -0.42 -21.82
C LEU A 472 -5.39 -1.03 -21.60
N ALA A 473 -4.54 -0.34 -20.83
CA ALA A 473 -3.21 -0.87 -20.56
C ALA A 473 -3.28 -2.25 -19.92
N LEU A 474 -4.37 -2.56 -19.24
CA LEU A 474 -4.57 -3.85 -18.61
C LEU A 474 -5.52 -4.76 -19.38
N ALA A 475 -6.21 -4.26 -20.40
CA ALA A 475 -7.18 -5.06 -21.13
C ALA A 475 -7.24 -4.59 -22.57
N ASP A 476 -7.50 -5.55 -23.47
CA ASP A 476 -7.49 -5.31 -24.91
C ASP A 476 -8.91 -5.28 -25.45
N PRO A 477 -9.36 -4.20 -26.08
CA PRO A 477 -10.73 -4.14 -26.59
C PRO A 477 -10.90 -5.05 -27.79
N PRO A 478 -12.12 -5.17 -28.32
CA PRO A 478 -12.33 -6.05 -29.48
C PRO A 478 -11.50 -5.61 -30.67
N GLU A 479 -11.08 -6.60 -31.47
CA GLU A 479 -10.22 -6.34 -32.61
C GLU A 479 -10.91 -5.46 -33.65
N SER A 480 -12.25 -5.49 -33.69
CA SER A 480 -12.97 -4.89 -34.81
C SER A 480 -12.82 -3.38 -34.90
N ASP A 481 -12.41 -2.71 -33.80
CA ASP A 481 -12.40 -1.26 -33.79
C ASP A 481 -11.17 -0.66 -33.12
N ARG A 482 -10.15 -1.46 -32.81
CA ARG A 482 -9.02 -0.94 -32.05
C ARG A 482 -8.42 0.30 -32.72
N LEU A 483 -8.10 0.19 -34.01
CA LEU A 483 -7.61 1.34 -34.76
C LEU A 483 -8.50 2.55 -34.50
N GLN A 484 -9.80 2.39 -34.74
CA GLN A 484 -10.73 3.50 -34.53
C GLN A 484 -10.55 4.11 -33.16
N ILE A 485 -10.51 3.27 -32.12
CA ILE A 485 -10.30 3.78 -30.76
C ILE A 485 -9.09 4.70 -30.76
N LEU A 486 -7.93 4.15 -31.15
CA LEU A 486 -6.72 4.95 -31.25
C LEU A 486 -7.03 6.28 -31.92
N ASN A 487 -7.57 6.20 -33.14
CA ASN A 487 -7.90 7.40 -33.89
C ASN A 487 -8.63 8.38 -32.99
N GLU A 488 -9.82 7.99 -32.51
CA GLU A 488 -10.62 8.89 -31.71
C GLU A 488 -9.79 9.45 -30.57
N ALA A 489 -9.10 8.57 -29.85
CA ALA A 489 -8.23 9.02 -28.77
C ALA A 489 -7.33 10.14 -29.25
N TRP A 490 -6.47 9.84 -30.22
CA TRP A 490 -5.51 10.86 -30.64
C TRP A 490 -6.19 11.98 -31.40
N LYS A 491 -7.42 11.78 -31.88
CA LYS A 491 -8.12 12.89 -32.51
C LYS A 491 -8.56 13.93 -31.48
N VAL A 492 -8.75 13.51 -30.23
CA VAL A 492 -9.08 14.43 -29.15
C VAL A 492 -7.85 14.73 -28.30
N ILE A 493 -7.07 13.70 -27.96
CA ILE A 493 -5.89 13.89 -27.13
C ILE A 493 -4.95 14.90 -27.78
N THR A 494 -4.88 14.90 -29.11
CA THR A 494 -3.98 15.82 -29.79
C THR A 494 -4.36 17.27 -29.55
N LYS A 495 -5.66 17.56 -29.43
CA LYS A 495 -6.10 18.94 -29.29
C LYS A 495 -5.79 19.53 -27.92
N LEU A 496 -5.41 18.71 -26.94
CA LEU A 496 -5.18 19.19 -25.60
C LEU A 496 -4.16 20.33 -25.63
N LYS A 497 -4.59 21.50 -25.18
CA LYS A 497 -3.82 22.73 -25.35
C LYS A 497 -2.90 23.04 -24.18
N ASN A 498 -2.93 22.22 -23.12
CA ASN A 498 -2.03 22.40 -21.98
C ASN A 498 -1.06 21.23 -21.95
N PRO A 499 0.21 21.42 -22.37
CA PRO A 499 1.10 20.26 -22.48
C PRO A 499 1.22 19.44 -21.21
N GLN A 500 1.23 20.10 -20.05
CA GLN A 500 1.25 19.37 -18.78
C GLN A 500 0.05 18.44 -18.70
N ASP A 501 -1.11 18.92 -19.12
CA ASP A 501 -2.29 18.06 -19.17
C ASP A 501 -2.15 17.01 -20.28
N TYR A 502 -1.55 17.38 -21.40
CA TYR A 502 -1.47 16.47 -22.53
C TYR A 502 -0.66 15.22 -22.19
N ILE A 503 0.55 15.41 -21.66
CA ILE A 503 1.45 14.27 -21.48
C ILE A 503 0.89 13.31 -20.44
N ASN A 504 0.27 13.85 -19.40
CA ASN A 504 -0.28 13.00 -18.34
C ASN A 504 -1.31 12.02 -18.88
N CYS A 505 -1.91 12.34 -20.03
CA CYS A 505 -2.86 11.44 -20.68
C CYS A 505 -2.27 10.72 -21.86
N ALA A 506 -1.18 11.21 -22.42
CA ALA A 506 -0.55 10.58 -23.58
C ALA A 506 0.41 9.47 -23.19
N GLU A 507 1.01 9.55 -21.99
CA GLU A 507 1.94 8.52 -21.58
C GLU A 507 1.24 7.17 -21.48
N VAL A 508 0.02 7.15 -20.97
CA VAL A 508 -0.72 5.91 -20.87
C VAL A 508 -1.12 5.41 -22.26
N TRP A 509 -1.50 6.31 -23.15
CA TRP A 509 -1.97 5.90 -24.46
C TRP A 509 -0.84 5.37 -25.33
N VAL A 510 0.36 5.95 -25.21
CA VAL A 510 1.47 5.53 -26.04
C VAL A 510 1.81 4.06 -25.79
N GLU A 511 1.60 3.57 -24.57
CA GLU A 511 1.84 2.17 -24.31
C GLU A 511 0.97 1.31 -25.21
N TYR A 512 -0.32 1.62 -25.28
CA TYR A 512 -1.22 0.89 -26.18
C TYR A 512 -0.85 1.11 -27.64
N THR A 513 -0.45 2.34 -27.99
CA THR A 513 -0.02 2.63 -29.35
C THR A 513 1.08 1.68 -29.78
N CYS A 514 2.13 1.57 -28.97
CA CYS A 514 3.22 0.65 -29.28
C CYS A 514 2.75 -0.80 -29.24
N LYS A 515 1.93 -1.15 -28.26
CA LYS A 515 1.55 -2.55 -28.09
C LYS A 515 0.76 -3.07 -29.28
N HIS A 516 -0.16 -2.28 -29.81
CA HIS A 516 -1.15 -2.75 -30.75
C HIS A 516 -0.94 -2.27 -32.18
N PHE A 517 0.14 -1.54 -32.47
CA PHE A 517 0.31 -0.95 -33.78
C PHE A 517 1.78 -0.94 -34.17
N THR A 518 2.02 -0.80 -35.47
CA THR A 518 3.34 -1.01 -36.07
C THR A 518 4.24 0.20 -35.82
N LYS A 519 5.40 0.21 -36.48
CA LYS A 519 6.36 1.28 -36.27
C LYS A 519 5.85 2.61 -36.81
N ARG A 520 4.99 2.58 -37.83
CA ARG A 520 4.49 3.84 -38.38
C ARG A 520 3.62 4.58 -37.38
N GLU A 521 2.71 3.86 -36.71
CA GLU A 521 1.84 4.51 -35.74
C GLU A 521 2.64 5.10 -34.59
N VAL A 522 3.61 4.34 -34.07
CA VAL A 522 4.42 4.83 -32.96
C VAL A 522 5.25 6.02 -33.41
N ASN A 523 5.75 5.98 -34.65
CA ASN A 523 6.50 7.11 -35.18
C ASN A 523 5.62 8.36 -35.25
N THR A 524 4.38 8.20 -35.70
CA THR A 524 3.47 9.34 -35.77
C THR A 524 3.16 9.91 -34.39
N VAL A 525 2.89 9.04 -33.41
CA VAL A 525 2.60 9.55 -32.07
C VAL A 525 3.84 10.20 -31.48
N LEU A 526 5.03 9.68 -31.81
CA LEU A 526 6.26 10.32 -31.37
C LEU A 526 6.37 11.72 -31.95
N ALA A 527 6.06 11.88 -33.23
CA ALA A 527 6.01 13.21 -33.82
C ALA A 527 5.04 14.10 -33.06
N ASP A 528 3.86 13.56 -32.75
CA ASP A 528 2.86 14.35 -32.04
C ASP A 528 3.37 14.80 -30.67
N VAL A 529 4.02 13.89 -29.94
CA VAL A 529 4.45 14.24 -28.58
C VAL A 529 5.62 15.23 -28.63
N ILE A 530 6.53 15.08 -29.59
CA ILE A 530 7.58 16.09 -29.72
C ILE A 530 6.94 17.44 -30.02
N LYS A 531 5.97 17.46 -30.94
CA LYS A 531 5.30 18.71 -31.29
C LYS A 531 4.66 19.34 -30.06
N HIS A 532 4.02 18.53 -29.21
CA HIS A 532 3.31 19.08 -28.07
C HIS A 532 4.26 19.56 -26.99
N MET A 533 5.30 18.80 -26.67
CA MET A 533 6.17 19.18 -25.56
C MET A 533 7.21 20.22 -25.94
N THR A 534 7.61 20.31 -27.21
CA THR A 534 8.68 21.23 -27.57
C THR A 534 8.40 22.69 -27.25
N PRO A 535 7.21 23.22 -27.47
CA PRO A 535 7.02 24.68 -27.33
C PRO A 535 7.39 25.17 -25.94
N ASP A 536 8.02 26.34 -25.91
CA ASP A 536 8.39 27.02 -24.65
C ASP A 536 9.12 26.07 -23.70
N ARG A 537 9.81 25.08 -24.26
CA ARG A 537 10.60 24.13 -23.46
C ARG A 537 9.75 23.47 -22.37
N ALA A 538 8.47 23.24 -22.67
CA ALA A 538 7.57 22.67 -21.66
C ALA A 538 8.05 21.30 -21.21
N PHE A 539 8.88 20.63 -22.00
CA PHE A 539 9.43 19.34 -21.58
C PHE A 539 10.20 19.47 -20.27
N GLU A 540 10.72 20.66 -19.97
CA GLU A 540 11.53 20.85 -18.77
C GLU A 540 10.81 20.37 -17.52
N ASP A 541 9.49 20.53 -17.46
CA ASP A 541 8.73 20.19 -16.27
C ASP A 541 8.25 18.75 -16.25
N SER A 542 8.23 18.07 -17.39
CA SER A 542 7.63 16.74 -17.50
C SER A 542 8.67 15.69 -17.90
N TYR A 543 9.87 15.81 -17.37
CA TYR A 543 10.88 14.78 -17.62
C TYR A 543 10.46 13.39 -17.17
N PRO A 544 9.84 13.20 -16.01
CA PRO A 544 9.51 11.83 -15.58
C PRO A 544 8.63 11.09 -16.57
N GLN A 545 7.61 11.76 -17.12
CA GLN A 545 6.67 11.07 -18.00
C GLN A 545 7.31 10.79 -19.35
N LEU A 546 8.10 11.73 -19.86
CA LEU A 546 8.87 11.46 -21.07
C LEU A 546 9.81 10.29 -20.86
N GLN A 547 10.39 10.19 -19.67
CA GLN A 547 11.24 9.05 -19.35
C GLN A 547 10.45 7.75 -19.40
N LEU A 548 9.27 7.74 -18.78
CA LEU A 548 8.46 6.52 -18.77
C LEU A 548 8.07 6.10 -20.18
N ILE A 549 7.63 7.07 -21.00
CA ILE A 549 7.21 6.76 -22.36
C ILE A 549 8.40 6.22 -23.17
N ILE A 550 9.58 6.81 -22.99
CA ILE A 550 10.73 6.31 -23.74
C ILE A 550 11.13 4.92 -23.24
N LYS A 551 11.03 4.67 -21.93
CA LYS A 551 11.28 3.32 -21.43
C LYS A 551 10.37 2.33 -22.13
N LYS A 552 9.07 2.65 -22.19
CA LYS A 552 8.11 1.76 -22.83
C LYS A 552 8.43 1.57 -24.29
N VAL A 553 8.80 2.66 -24.98
CA VAL A 553 9.14 2.57 -26.40
C VAL A 553 10.29 1.61 -26.61
N ILE A 554 11.34 1.75 -25.80
CA ILE A 554 12.50 0.87 -25.92
C ILE A 554 12.10 -0.56 -25.60
N ALA A 555 11.26 -0.74 -24.58
CA ALA A 555 10.86 -2.09 -24.18
C ALA A 555 10.10 -2.80 -25.28
N HIS A 556 9.20 -2.09 -25.95
CA HIS A 556 8.38 -2.73 -26.98
C HIS A 556 9.22 -3.22 -28.15
N PHE A 557 10.36 -2.58 -28.41
CA PHE A 557 11.20 -2.90 -29.57
C PHE A 557 12.36 -3.77 -29.14
N HIS A 558 12.57 -4.86 -29.88
CA HIS A 558 13.67 -5.80 -29.62
C HIS A 558 14.78 -5.70 -30.66
N ASP A 559 14.45 -5.50 -31.93
CA ASP A 559 15.45 -5.32 -32.97
C ASP A 559 15.85 -3.85 -33.02
N PHE A 560 17.10 -3.56 -32.66
CA PHE A 560 17.55 -2.17 -32.60
C PHE A 560 17.63 -1.54 -33.99
N SER A 561 17.89 -2.35 -35.02
CA SER A 561 17.90 -1.81 -36.38
C SER A 561 16.57 -1.12 -36.69
N VAL A 562 15.45 -1.78 -36.34
CA VAL A 562 14.15 -1.16 -36.51
C VAL A 562 14.03 0.06 -35.60
N LEU A 563 14.45 -0.08 -34.34
CA LEU A 563 14.29 1.02 -33.38
C LEU A 563 14.97 2.30 -33.87
N PHE A 564 16.05 2.15 -34.63
CA PHE A 564 16.71 3.29 -35.24
C PHE A 564 16.23 3.58 -36.65
N SER A 565 15.43 2.67 -37.23
CA SER A 565 14.74 2.99 -38.46
C SER A 565 13.64 4.01 -38.24
N VAL A 566 13.04 4.02 -37.05
CA VAL A 566 12.09 5.05 -36.67
C VAL A 566 12.77 6.40 -36.86
N GLU A 567 12.20 7.24 -37.74
CA GLU A 567 12.86 8.49 -38.12
C GLU A 567 12.91 9.51 -37.01
N LYS A 568 12.17 9.31 -35.91
CA LYS A 568 12.09 10.29 -34.84
C LYS A 568 12.48 9.67 -33.50
N PHE A 569 13.48 8.79 -33.53
CA PHE A 569 14.10 8.30 -32.31
C PHE A 569 15.22 9.24 -31.86
N LEU A 570 16.16 9.50 -32.77
CA LEU A 570 17.28 10.38 -32.45
C LEU A 570 16.85 11.79 -32.07
N PRO A 571 15.93 12.45 -32.78
CA PRO A 571 15.50 13.79 -32.30
C PRO A 571 14.83 13.74 -30.95
N PHE A 572 14.08 12.67 -30.65
CA PHE A 572 13.52 12.55 -29.30
C PHE A 572 14.64 12.48 -28.27
N LEU A 573 15.66 11.69 -28.55
CA LEU A 573 16.81 11.65 -27.63
C LEU A 573 17.42 13.03 -27.48
N ASP A 574 17.59 13.74 -28.60
CA ASP A 574 18.08 15.12 -28.54
C ASP A 574 17.17 15.99 -27.69
N MET A 575 15.90 15.60 -27.55
CA MET A 575 14.98 16.37 -26.74
C MET A 575 15.51 16.55 -25.31
N PHE A 576 16.07 15.49 -24.72
CA PHE A 576 16.56 15.56 -23.35
C PHE A 576 17.84 16.39 -23.34
N GLN A 577 17.67 17.71 -23.32
CA GLN A 577 18.82 18.60 -23.32
C GLN A 577 19.53 18.64 -21.98
N LYS A 578 18.88 18.17 -20.91
CA LYS A 578 19.55 18.14 -19.62
C LYS A 578 20.62 17.05 -19.60
N GLU A 579 21.62 17.24 -18.73
CA GLU A 579 22.75 16.33 -18.69
C GLU A 579 22.41 15.03 -17.98
N SER A 580 21.94 15.13 -16.74
CA SER A 580 21.73 13.92 -15.94
C SER A 580 20.69 13.01 -16.58
N VAL A 581 19.56 13.57 -17.01
CA VAL A 581 18.51 12.76 -17.61
C VAL A 581 19.02 12.13 -18.91
N ARG A 582 19.77 12.90 -19.71
CA ARG A 582 20.27 12.37 -20.97
C ARG A 582 21.23 11.22 -20.73
N VAL A 583 22.15 11.36 -19.77
CA VAL A 583 23.07 10.27 -19.50
C VAL A 583 22.32 9.06 -18.96
N GLU A 584 21.27 9.29 -18.17
CA GLU A 584 20.47 8.17 -17.70
C GLU A 584 19.82 7.43 -18.87
N VAL A 585 19.27 8.18 -19.82
CA VAL A 585 18.63 7.55 -20.98
C VAL A 585 19.67 6.80 -21.82
N CYS A 586 20.85 7.38 -21.96
CA CYS A 586 21.92 6.69 -22.68
C CYS A 586 22.29 5.38 -22.00
N LYS A 587 22.42 5.40 -20.67
CA LYS A 587 22.69 4.15 -19.94
C LYS A 587 21.58 3.15 -20.17
N CYS A 588 20.33 3.61 -20.16
CA CYS A 588 19.21 2.71 -20.35
C CYS A 588 19.27 2.05 -21.73
N ILE A 589 19.47 2.85 -22.77
CA ILE A 589 19.50 2.29 -24.13
C ILE A 589 20.69 1.37 -24.29
N MET A 590 21.83 1.71 -23.68
CA MET A 590 22.99 0.84 -23.76
C MET A 590 22.74 -0.49 -23.06
N ASP A 591 22.06 -0.45 -21.92
CA ASP A 591 21.69 -1.69 -21.25
C ASP A 591 20.78 -2.53 -22.13
N ALA A 592 19.80 -1.89 -22.76
CA ALA A 592 18.91 -2.61 -23.66
C ALA A 592 19.71 -3.26 -24.79
N PHE A 593 20.67 -2.53 -25.36
CA PHE A 593 21.49 -3.08 -26.42
C PHE A 593 22.28 -4.30 -25.94
N ILE A 594 23.02 -4.14 -24.85
CA ILE A 594 23.93 -5.19 -24.42
C ILE A 594 23.14 -6.44 -24.02
N LYS A 595 21.97 -6.25 -23.41
CA LYS A 595 21.18 -7.39 -22.93
C LYS A 595 20.25 -7.96 -24.00
N HIS A 596 20.19 -7.37 -25.19
CA HIS A 596 19.34 -7.86 -26.25
C HIS A 596 20.06 -7.82 -27.60
N GLN A 597 21.33 -8.24 -27.61
CA GLN A 597 22.12 -8.22 -28.84
C GLN A 597 23.21 -9.28 -28.72
N GLN A 598 23.01 -10.42 -29.36
CA GLN A 598 23.91 -11.56 -29.23
C GLN A 598 24.84 -11.72 -30.43
N GLU A 599 24.74 -10.85 -31.44
CA GLU A 599 25.58 -10.95 -32.64
C GLU A 599 26.06 -9.56 -33.04
N PRO A 600 27.35 -9.40 -33.36
CA PRO A 600 27.85 -8.07 -33.74
C PRO A 600 27.23 -7.59 -35.04
N THR A 601 27.13 -6.27 -35.18
CA THR A 601 26.39 -5.65 -36.25
C THR A 601 27.27 -4.72 -37.05
N LYS A 602 27.06 -4.70 -38.37
CA LYS A 602 27.71 -3.76 -39.27
C LYS A 602 26.76 -2.68 -39.78
N ASP A 603 25.44 -2.84 -39.57
CA ASP A 603 24.44 -1.88 -40.02
C ASP A 603 24.90 -0.46 -39.74
N PRO A 604 25.15 0.36 -40.76
CA PRO A 604 25.61 1.73 -40.50
C PRO A 604 24.67 2.53 -39.61
N VAL A 605 23.36 2.28 -39.70
CA VAL A 605 22.41 3.01 -38.87
C VAL A 605 22.63 2.71 -37.40
N ILE A 606 22.71 1.42 -37.05
CA ILE A 606 22.94 1.03 -35.66
C ILE A 606 24.26 1.59 -35.18
N LEU A 607 25.32 1.44 -35.99
CA LEU A 607 26.62 1.94 -35.61
C LEU A 607 26.56 3.42 -35.32
N ASN A 608 25.94 4.20 -36.20
CA ASN A 608 25.90 5.64 -36.02
C ASN A 608 25.12 6.03 -34.77
N ALA A 609 23.95 5.44 -34.58
CA ALA A 609 23.13 5.80 -33.43
C ALA A 609 23.84 5.48 -32.13
N LEU A 610 24.43 4.28 -32.06
CA LEU A 610 25.13 3.90 -30.83
C LEU A 610 26.35 4.78 -30.61
N LEU A 611 27.04 5.16 -31.69
CA LEU A 611 28.19 6.05 -31.53
C LEU A 611 27.75 7.38 -30.93
N HIS A 612 26.65 7.94 -31.44
CA HIS A 612 26.18 9.23 -30.92
C HIS A 612 25.81 9.13 -29.45
N VAL A 613 25.03 8.11 -29.10
CA VAL A 613 24.57 7.99 -27.72
C VAL A 613 25.77 7.78 -26.79
N CYS A 614 26.72 6.95 -27.20
CA CYS A 614 27.89 6.71 -26.35
C CYS A 614 28.74 7.95 -26.21
N LYS A 615 28.89 8.73 -27.29
CA LYS A 615 29.61 10.00 -27.17
C LYS A 615 28.98 10.89 -26.11
N THR A 616 27.66 11.10 -26.21
CA THR A 616 27.01 12.00 -25.27
C THR A 616 27.04 11.43 -23.85
N MET A 617 27.04 10.09 -23.72
CA MET A 617 27.12 9.49 -22.39
C MET A 617 28.50 9.71 -21.78
N HIS A 618 29.55 9.45 -22.55
CA HIS A 618 30.90 9.65 -22.07
C HIS A 618 31.11 11.10 -21.68
N ASP A 619 30.65 12.04 -22.51
CA ASP A 619 30.96 13.45 -22.30
C ASP A 619 30.63 13.92 -20.88
N SER A 620 29.85 13.15 -20.13
CA SER A 620 29.46 13.57 -18.78
C SER A 620 30.66 13.58 -17.83
N VAL A 621 31.57 12.61 -17.97
CA VAL A 621 32.62 12.43 -16.96
C VAL A 621 33.42 13.72 -16.80
N ASN A 622 33.85 13.99 -15.57
CA ASN A 622 34.62 15.19 -15.27
C ASN A 622 35.33 14.98 -13.94
N ALA A 623 36.06 16.02 -13.51
CA ALA A 623 36.87 15.92 -12.29
C ALA A 623 36.01 15.57 -11.08
N LEU A 624 34.76 16.00 -11.07
CA LEU A 624 33.85 15.68 -9.97
C LEU A 624 33.13 14.35 -10.16
N THR A 625 33.39 13.65 -11.25
CA THR A 625 32.74 12.37 -11.49
C THR A 625 33.23 11.32 -10.49
N LEU A 626 32.33 10.41 -10.13
CA LEU A 626 32.63 9.39 -9.14
C LEU A 626 33.22 8.14 -9.81
N GLU A 627 34.04 7.42 -9.04
CA GLU A 627 34.74 6.27 -9.60
C GLU A 627 33.77 5.20 -10.07
N ASP A 628 32.73 4.93 -9.28
CA ASP A 628 31.79 3.88 -9.67
C ASP A 628 31.00 4.29 -10.90
N GLU A 629 30.70 5.59 -11.03
CA GLU A 629 30.10 6.06 -12.27
C GLU A 629 31.00 5.77 -13.45
N LYS A 630 32.31 6.01 -13.28
CA LYS A 630 33.25 5.70 -14.35
C LYS A 630 33.25 4.21 -14.66
N ARG A 631 33.17 3.37 -13.63
CA ARG A 631 33.18 1.94 -13.87
C ARG A 631 31.95 1.49 -14.64
N MET A 632 30.77 1.98 -14.26
CA MET A 632 29.55 1.59 -14.97
C MET A 632 29.56 2.09 -16.41
N LEU A 633 29.94 3.35 -16.63
CA LEU A 633 30.03 3.83 -18.00
C LEU A 633 31.04 3.01 -18.80
N SER A 634 32.18 2.68 -18.19
CA SER A 634 33.17 1.88 -18.90
C SER A 634 32.58 0.55 -19.30
N TYR A 635 31.82 -0.08 -18.39
CA TYR A 635 31.16 -1.33 -18.72
C TYR A 635 30.23 -1.15 -19.91
N LEU A 636 29.48 -0.06 -19.94
CA LEU A 636 28.54 0.17 -21.03
C LEU A 636 29.27 0.33 -22.38
N ILE A 637 30.25 1.23 -22.43
CA ILE A 637 30.95 1.47 -23.69
C ILE A 637 31.72 0.23 -24.13
N ASN A 638 32.28 -0.52 -23.18
CA ASN A 638 32.97 -1.74 -23.56
C ASN A 638 32.00 -2.78 -24.10
N GLY A 639 30.82 -2.89 -23.48
CA GLY A 639 29.81 -3.78 -24.03
C GLY A 639 29.42 -3.39 -25.43
N PHE A 640 29.39 -2.09 -25.72
CA PHE A 640 29.11 -1.66 -27.09
C PHE A 640 30.24 -2.05 -28.02
N ILE A 641 31.45 -1.56 -27.74
CA ILE A 641 32.60 -1.79 -28.62
C ILE A 641 32.85 -3.27 -28.84
N LYS A 642 32.42 -4.12 -27.91
CA LYS A 642 32.53 -5.55 -28.12
C LYS A 642 31.51 -6.08 -29.11
N MET A 643 30.54 -5.26 -29.51
CA MET A 643 29.48 -5.66 -30.44
C MET A 643 29.59 -4.91 -31.77
N VAL A 644 30.81 -4.75 -32.27
CA VAL A 644 31.05 -4.15 -33.59
C VAL A 644 32.06 -5.03 -34.31
N SER A 645 31.63 -5.71 -35.37
CA SER A 645 32.50 -6.58 -36.15
C SER A 645 32.34 -6.28 -37.63
N PHE A 646 33.43 -6.45 -38.37
CA PHE A 646 33.48 -6.19 -39.81
C PHE A 646 33.86 -7.45 -40.58
N GLY A 647 33.55 -8.63 -40.05
CA GLY A 647 33.79 -9.87 -40.77
C GLY A 647 35.27 -10.04 -41.08
N ARG A 648 35.55 -10.53 -42.29
CA ARG A 648 36.95 -10.75 -42.68
C ARG A 648 37.71 -9.44 -42.73
N ASP A 649 37.05 -8.37 -43.16
CA ASP A 649 37.67 -7.05 -43.22
C ASP A 649 38.33 -6.75 -41.88
N PHE A 650 39.66 -6.62 -41.90
CA PHE A 650 40.40 -6.27 -40.70
C PHE A 650 40.94 -4.85 -40.73
N GLU A 651 41.19 -4.28 -41.91
CA GLU A 651 41.63 -2.90 -41.97
C GLU A 651 40.53 -1.97 -41.50
N GLN A 652 39.30 -2.21 -41.96
CA GLN A 652 38.18 -1.39 -41.52
C GLN A 652 37.92 -1.58 -40.03
N GLN A 653 38.14 -2.81 -39.54
CA GLN A 653 37.94 -3.14 -38.10
C GLN A 653 38.98 -2.40 -37.27
N LEU A 654 40.23 -2.29 -37.75
CA LEU A 654 41.26 -1.52 -37.06
C LEU A 654 40.93 -0.02 -37.09
N SER A 655 40.40 0.45 -38.22
CA SER A 655 39.97 1.84 -38.31
C SER A 655 38.88 2.13 -37.28
N PHE A 656 37.92 1.21 -37.13
CA PHE A 656 36.87 1.38 -36.14
C PHE A 656 37.45 1.48 -34.73
N TYR A 657 38.40 0.60 -34.39
CA TYR A 657 39.01 0.65 -33.06
C TYR A 657 39.75 1.96 -32.84
N VAL A 658 40.49 2.43 -33.83
CA VAL A 658 41.24 3.66 -33.62
C VAL A 658 40.28 4.84 -33.48
N GLU A 659 39.17 4.81 -34.22
CA GLU A 659 38.16 5.86 -34.05
C GLU A 659 37.52 5.79 -32.67
N SER A 660 37.24 4.59 -32.16
CA SER A 660 36.68 4.46 -30.82
C SER A 660 37.64 4.99 -29.78
N ARG A 661 38.94 4.70 -29.93
CA ARG A 661 39.94 5.31 -29.06
C ARG A 661 39.85 6.82 -29.10
N SER A 662 39.83 7.39 -30.31
CA SER A 662 39.69 8.84 -30.42
C SER A 662 38.45 9.32 -29.70
N MET A 663 37.38 8.53 -29.70
CA MET A 663 36.13 8.94 -29.08
C MET A 663 36.19 8.83 -27.55
N PHE A 664 36.80 7.76 -27.04
CA PHE A 664 36.73 7.39 -25.64
C PHE A 664 38.05 7.60 -24.89
N CYS A 665 38.76 8.68 -25.22
CA CYS A 665 40.08 8.92 -24.64
C CYS A 665 40.04 8.96 -23.12
N ASN A 666 39.14 9.76 -22.55
CA ASN A 666 39.20 10.04 -21.12
C ASN A 666 38.96 8.78 -20.29
N LEU A 667 37.98 7.97 -20.68
CA LEU A 667 37.63 6.77 -19.93
C LEU A 667 38.68 5.70 -20.17
N GLU A 668 39.34 5.25 -19.08
CA GLU A 668 40.56 4.45 -19.18
C GLU A 668 40.29 2.96 -19.48
N PRO A 669 39.35 2.32 -18.78
CA PRO A 669 39.08 0.91 -19.10
C PRO A 669 38.70 0.69 -20.55
N VAL A 670 38.07 1.67 -21.19
CA VAL A 670 37.77 1.55 -22.62
C VAL A 670 39.07 1.49 -23.42
N LEU A 671 40.06 2.32 -23.05
CA LEU A 671 41.36 2.22 -23.69
C LEU A 671 41.97 0.85 -23.47
N VAL A 672 41.85 0.31 -22.26
CA VAL A 672 42.40 -1.02 -21.99
C VAL A 672 41.76 -2.06 -22.90
N GLN A 673 40.43 -2.02 -23.00
CA GLN A 673 39.73 -2.98 -23.83
C GLN A 673 40.11 -2.81 -25.30
N LEU A 674 40.24 -1.57 -25.76
CA LEU A 674 40.61 -1.34 -27.14
C LEU A 674 42.03 -1.83 -27.44
N ILE A 675 42.94 -1.73 -26.47
CA ILE A 675 44.28 -2.24 -26.68
C ILE A 675 44.27 -3.76 -26.77
N HIS A 676 43.57 -4.41 -25.84
CA HIS A 676 43.39 -5.85 -25.92
C HIS A 676 42.78 -6.23 -27.26
N SER A 677 41.87 -5.40 -27.76
CA SER A 677 41.14 -5.73 -28.99
C SER A 677 42.04 -5.57 -30.22
N VAL A 678 42.85 -4.52 -30.26
CA VAL A 678 43.76 -4.39 -31.40
C VAL A 678 44.74 -5.55 -31.42
N ASN A 679 45.25 -5.93 -30.25
CA ASN A 679 46.16 -7.08 -30.22
C ASN A 679 45.46 -8.35 -30.67
N ARG A 680 44.21 -8.55 -30.23
CA ARG A 680 43.51 -9.76 -30.63
C ARG A 680 43.23 -9.75 -32.13
N LEU A 681 42.95 -8.57 -32.70
CA LEU A 681 42.75 -8.46 -34.13
C LEU A 681 44.03 -8.79 -34.89
N ALA A 682 45.18 -8.32 -34.40
CA ALA A 682 46.44 -8.65 -35.04
C ALA A 682 46.66 -10.15 -35.01
N MET A 683 46.39 -10.78 -33.87
CA MET A 683 46.58 -12.22 -33.78
C MET A 683 45.61 -12.96 -34.69
N GLU A 684 44.38 -12.46 -34.82
CA GLU A 684 43.42 -13.09 -35.72
C GLU A 684 43.89 -12.96 -37.17
N THR A 685 44.44 -11.80 -37.54
CA THR A 685 45.01 -11.65 -38.87
C THR A 685 46.13 -12.65 -39.10
N ARG A 686 46.98 -12.82 -38.10
CA ARG A 686 47.98 -13.90 -38.16
C ARG A 686 47.30 -15.24 -38.44
N LYS A 687 46.27 -15.55 -37.67
CA LYS A 687 45.68 -16.90 -37.69
C LYS A 687 44.88 -17.17 -38.96
N VAL A 688 44.39 -16.13 -39.63
CA VAL A 688 43.53 -16.29 -40.79
C VAL A 688 44.37 -16.44 -42.05
N MET A 689 45.69 -16.52 -41.88
CA MET A 689 46.58 -16.73 -43.02
C MET A 689 47.69 -17.73 -42.73
N LYS A 690 47.77 -18.28 -41.53
CA LYS A 690 48.73 -19.34 -41.22
C LYS A 690 50.16 -18.88 -41.48
N GLY A 691 50.46 -17.65 -41.08
CA GLY A 691 51.79 -17.11 -41.25
C GLY A 691 52.00 -16.56 -42.65
N ASN A 692 53.27 -16.23 -42.92
CA ASN A 692 53.68 -15.61 -44.18
C ASN A 692 52.73 -14.44 -44.46
N HIS A 693 52.80 -13.46 -43.58
CA HIS A 693 51.95 -12.27 -43.72
C HIS A 693 52.32 -11.53 -45.00
N SER A 694 51.36 -11.45 -45.93
CA SER A 694 51.59 -10.75 -47.18
C SER A 694 51.98 -9.30 -46.91
N ARG A 695 52.54 -8.66 -47.94
CA ARG A 695 53.08 -7.31 -47.78
C ARG A 695 52.01 -6.34 -47.31
N LYS A 696 50.83 -6.41 -47.90
CA LYS A 696 49.71 -5.58 -47.44
C LYS A 696 49.43 -5.85 -45.97
N THR A 697 49.33 -7.12 -45.59
CA THR A 697 49.10 -7.47 -44.20
C THR A 697 50.31 -7.12 -43.34
N ALA A 698 51.51 -7.14 -43.90
CA ALA A 698 52.68 -6.69 -43.15
C ALA A 698 52.55 -5.24 -42.75
N ALA A 699 52.16 -4.39 -43.71
CA ALA A 699 51.91 -2.99 -43.40
C ALA A 699 50.80 -2.86 -42.37
N PHE A 700 49.72 -3.64 -42.52
CA PHE A 700 48.61 -3.56 -41.58
C PHE A 700 49.05 -3.90 -40.16
N VAL A 701 49.81 -4.99 -40.00
CA VAL A 701 50.23 -5.41 -38.67
C VAL A 701 51.19 -4.39 -38.08
N ARG A 702 52.11 -3.86 -38.89
CA ARG A 702 52.97 -2.81 -38.39
C ARG A 702 52.16 -1.62 -37.91
N ALA A 703 51.09 -1.28 -38.64
CA ALA A 703 50.23 -0.18 -38.23
C ALA A 703 49.56 -0.48 -36.89
N CYS A 704 49.06 -1.70 -36.72
CA CYS A 704 48.34 -2.00 -35.49
C CYS A 704 49.29 -1.98 -34.29
N VAL A 705 50.50 -2.52 -34.46
CA VAL A 705 51.45 -2.48 -33.34
C VAL A 705 51.86 -1.04 -33.04
N ALA A 706 51.98 -0.21 -34.07
CA ALA A 706 52.26 1.20 -33.82
C ALA A 706 51.14 1.86 -33.05
N TYR A 707 49.89 1.54 -33.40
CA TYR A 707 48.74 2.00 -32.63
C TYR A 707 48.85 1.59 -31.16
N CYS A 708 49.17 0.33 -30.91
CA CYS A 708 49.27 -0.13 -29.53
C CYS A 708 50.37 0.61 -28.78
N PHE A 709 51.51 0.81 -29.43
CA PHE A 709 52.60 1.56 -28.82
C PHE A 709 52.16 2.97 -28.48
N ILE A 710 51.46 3.63 -29.39
CA ILE A 710 51.01 5.00 -29.13
C ILE A 710 50.05 5.02 -27.95
N THR A 711 49.14 4.04 -27.89
CA THR A 711 48.09 4.06 -26.88
C THR A 711 48.64 3.80 -25.48
N ILE A 712 49.53 2.82 -25.34
CA ILE A 712 49.93 2.36 -24.01
C ILE A 712 50.33 3.50 -23.08
N PRO A 713 51.21 4.41 -23.46
CA PRO A 713 51.65 5.45 -22.51
C PRO A 713 50.52 6.25 -21.89
N SER A 714 49.33 6.25 -22.51
CA SER A 714 48.25 7.10 -22.00
C SER A 714 47.63 6.54 -20.73
N LEU A 715 47.66 5.22 -20.55
CA LEU A 715 47.05 4.62 -19.37
C LEU A 715 47.63 5.20 -18.10
N ALA A 716 46.76 5.51 -17.14
CA ALA A 716 47.19 6.16 -15.90
C ALA A 716 47.80 5.17 -14.92
N GLY A 717 47.28 3.94 -14.87
CA GLY A 717 47.81 2.96 -13.95
C GLY A 717 49.26 2.62 -14.26
N ILE A 718 49.90 1.94 -13.31
CA ILE A 718 51.32 1.60 -13.40
C ILE A 718 51.50 0.10 -13.66
N PHE A 719 50.96 -0.76 -12.80
CA PHE A 719 51.08 -2.19 -12.99
C PHE A 719 50.34 -2.62 -14.26
N THR A 720 49.16 -2.04 -14.49
CA THR A 720 48.44 -2.33 -15.73
C THR A 720 49.26 -1.89 -16.94
N ARG A 721 49.90 -0.73 -16.87
CA ARG A 721 50.72 -0.26 -17.97
C ARG A 721 51.84 -1.25 -18.25
N LEU A 722 52.52 -1.72 -17.20
CA LEU A 722 53.59 -2.68 -17.40
C LEU A 722 53.08 -3.99 -18.01
N ASN A 723 51.96 -4.50 -17.49
CA ASN A 723 51.43 -5.75 -18.01
C ASN A 723 51.06 -5.62 -19.48
N LEU A 724 50.44 -4.50 -19.85
CA LEU A 724 50.06 -4.31 -21.24
C LEU A 724 51.27 -4.08 -22.14
N TYR A 725 52.31 -3.42 -21.63
CA TYR A 725 53.56 -3.35 -22.38
C TYR A 725 54.10 -4.74 -22.65
N LEU A 726 54.07 -5.61 -21.65
CA LEU A 726 54.57 -6.97 -21.83
C LEU A 726 53.75 -7.71 -22.88
N HIS A 727 52.42 -7.62 -22.78
CA HIS A 727 51.59 -8.34 -23.73
C HIS A 727 51.76 -7.78 -25.14
N SER A 728 51.95 -6.47 -25.26
CA SER A 728 52.22 -5.87 -26.56
C SER A 728 53.55 -6.36 -27.12
N GLY A 729 54.55 -6.50 -26.25
CA GLY A 729 55.81 -7.08 -26.70
C GLY A 729 55.61 -8.49 -27.25
N GLN A 730 54.86 -9.32 -26.51
CA GLN A 730 54.61 -10.67 -26.99
C GLN A 730 53.89 -10.65 -28.34
N VAL A 731 52.84 -9.83 -28.45
CA VAL A 731 52.03 -9.86 -29.67
C VAL A 731 52.82 -9.31 -30.85
N ALA A 732 53.69 -8.33 -30.62
CA ALA A 732 54.52 -7.79 -31.70
C ALA A 732 55.59 -8.80 -32.12
N LEU A 733 56.20 -9.46 -31.14
CA LEU A 733 57.22 -10.51 -31.39
C LEU A 733 56.55 -11.62 -32.21
N ALA A 734 55.26 -11.88 -31.99
CA ALA A 734 54.59 -12.99 -32.66
C ALA A 734 54.56 -12.84 -34.17
N ASN A 735 54.69 -11.62 -34.68
CA ASN A 735 54.54 -11.34 -36.10
C ASN A 735 55.82 -10.74 -36.68
N GLN A 736 56.96 -11.29 -36.30
CA GLN A 736 58.25 -11.02 -36.93
C GLN A 736 58.56 -9.53 -36.98
N CYS A 737 57.92 -8.72 -36.14
CA CYS A 737 58.17 -7.29 -36.07
C CYS A 737 59.08 -7.03 -34.88
N LEU A 738 60.38 -7.20 -35.11
CA LEU A 738 61.38 -6.99 -34.07
C LEU A 738 61.74 -5.51 -33.99
N ASP A 742 61.46 -4.98 -29.37
CA ASP A 742 62.57 -4.54 -28.53
C ASP A 742 62.26 -3.19 -27.88
N ALA A 743 61.61 -2.32 -28.64
CA ALA A 743 61.25 -1.00 -28.12
C ALA A 743 60.32 -1.13 -26.92
N PHE A 744 59.35 -2.04 -27.00
CA PHE A 744 58.39 -2.21 -25.90
C PHE A 744 59.10 -2.59 -24.62
N PHE A 745 60.03 -3.53 -24.69
CA PHE A 745 60.71 -3.97 -23.48
C PHE A 745 61.61 -2.87 -22.93
N LYS A 746 62.24 -2.10 -23.83
CA LYS A 746 63.01 -0.95 -23.37
C LYS A 746 62.11 0.03 -22.62
N ALA A 747 60.93 0.30 -23.16
CA ALA A 747 60.02 1.22 -22.50
C ALA A 747 59.59 0.69 -21.13
N ALA A 748 59.25 -0.59 -21.06
CA ALA A 748 58.83 -1.17 -19.79
C ALA A 748 59.94 -1.10 -18.75
N ILE A 749 61.17 -1.47 -19.16
CA ILE A 749 62.29 -1.40 -18.23
C ILE A 749 62.51 0.03 -17.77
N SER A 750 62.47 0.99 -18.70
CA SER A 750 62.67 2.38 -18.34
C SER A 750 61.56 2.88 -17.41
N LEU A 751 60.37 2.31 -17.51
CA LEU A 751 59.26 2.69 -16.64
C LEU A 751 59.39 2.06 -15.26
N VAL A 752 60.09 0.91 -15.16
CA VAL A 752 60.16 0.20 -13.88
C VAL A 752 60.49 1.12 -12.70
N PRO A 753 61.46 2.02 -12.79
CA PRO A 753 61.84 2.81 -11.60
C PRO A 753 60.71 3.63 -11.02
N GLU A 754 59.66 3.89 -11.80
CA GLU A 754 58.54 4.70 -11.30
C GLU A 754 57.63 3.94 -10.35
N VAL A 755 57.65 2.61 -10.37
CA VAL A 755 56.72 1.82 -9.57
C VAL A 755 56.80 2.23 -8.10
N SER A 768 52.71 -4.10 -2.26
CA SER A 768 52.83 -4.04 -3.71
C SER A 768 53.98 -4.91 -4.19
N GLU A 769 54.76 -5.42 -3.24
CA GLU A 769 56.00 -6.10 -3.60
C GLU A 769 55.73 -7.35 -4.42
N SER A 770 54.66 -8.09 -4.10
CA SER A 770 54.38 -9.33 -4.82
C SER A 770 54.06 -9.07 -6.28
N PHE A 771 53.29 -8.01 -6.56
CA PHE A 771 52.95 -7.68 -7.94
C PHE A 771 54.22 -7.37 -8.74
N LEU A 772 55.12 -6.57 -8.18
CA LEU A 772 56.37 -6.28 -8.86
C LEU A 772 57.20 -7.53 -9.06
N LEU A 773 57.25 -8.41 -8.06
CA LEU A 773 58.00 -9.65 -8.18
C LEU A 773 57.47 -10.49 -9.33
N GLU A 774 56.15 -10.66 -9.41
CA GLU A 774 55.58 -11.45 -10.48
C GLU A 774 55.79 -10.78 -11.84
N PHE A 775 55.72 -9.45 -11.87
CA PHE A 775 55.99 -8.75 -13.13
C PHE A 775 57.40 -9.03 -13.62
N LEU A 776 58.39 -8.93 -12.73
CA LEU A 776 59.77 -9.17 -13.15
C LEU A 776 59.98 -10.63 -13.53
N CYS A 777 59.33 -11.56 -12.83
CA CYS A 777 59.44 -12.95 -13.24
C CYS A 777 58.88 -13.16 -14.63
N ASN A 778 57.72 -12.57 -14.92
CA ASN A 778 57.12 -12.69 -16.25
C ASN A 778 58.02 -12.04 -17.31
N PHE A 779 58.62 -10.90 -16.99
CA PHE A 779 59.53 -10.24 -17.92
C PHE A 779 60.72 -11.12 -18.24
N PHE A 780 61.31 -11.73 -17.20
CA PHE A 780 62.46 -12.59 -17.43
C PHE A 780 62.08 -13.80 -18.28
N SER A 781 60.93 -14.39 -18.00
CA SER A 781 60.48 -15.51 -18.82
C SER A 781 60.25 -15.08 -20.27
N THR A 782 59.67 -13.90 -20.47
CA THR A 782 59.45 -13.39 -21.81
C THR A 782 60.77 -13.25 -22.56
N LEU A 783 61.77 -12.65 -21.91
CA LEU A 783 63.05 -12.43 -22.59
C LEU A 783 63.73 -13.74 -22.95
N LEU A 784 63.30 -14.86 -22.38
CA LEU A 784 63.93 -16.14 -22.68
C LEU A 784 63.80 -16.51 -24.15
N ILE A 785 62.84 -15.92 -24.86
CA ILE A 785 62.66 -16.19 -26.27
C ILE A 785 62.94 -14.97 -27.14
N VAL A 786 62.96 -13.77 -26.57
CA VAL A 786 63.21 -12.55 -27.33
C VAL A 786 64.52 -12.66 -28.10
N GLY B 3 32.81 -44.07 -3.65
CA GLY B 3 32.83 -42.61 -3.73
C GLY B 3 33.67 -42.10 -4.88
N HIS B 4 33.09 -41.21 -5.69
CA HIS B 4 33.78 -40.62 -6.83
C HIS B 4 33.68 -39.11 -6.72
N ARG B 5 34.83 -38.45 -6.60
CA ARG B 5 34.90 -37.00 -6.46
C ARG B 5 35.25 -36.38 -7.81
N LEU B 6 34.49 -35.38 -8.23
CA LEU B 6 34.64 -34.78 -9.55
C LEU B 6 35.18 -33.36 -9.41
N VAL B 7 36.27 -33.08 -10.13
CA VAL B 7 36.90 -31.76 -10.13
C VAL B 7 36.99 -31.29 -11.58
N LEU B 8 36.58 -30.06 -11.83
CA LEU B 8 36.78 -29.42 -13.12
C LEU B 8 38.03 -28.57 -13.01
N VAL B 9 39.09 -28.98 -13.71
CA VAL B 9 40.33 -28.22 -13.77
C VAL B 9 40.30 -27.42 -15.06
N LEU B 10 40.37 -26.09 -14.92
CA LEU B 10 40.34 -25.22 -16.09
C LEU B 10 41.15 -23.96 -15.78
N GLY B 11 41.20 -23.06 -16.75
CA GLY B 11 41.90 -21.81 -16.58
C GLY B 11 42.13 -21.13 -17.92
N ASP B 12 42.62 -19.91 -17.84
CA ASP B 12 42.93 -19.11 -19.02
C ASP B 12 41.68 -18.85 -19.85
N LEU B 13 40.61 -18.44 -19.17
CA LEU B 13 39.41 -18.04 -19.88
C LEU B 13 39.66 -16.79 -20.71
N HIS B 14 40.33 -15.80 -20.13
CA HIS B 14 40.72 -14.56 -20.79
C HIS B 14 39.53 -13.73 -21.25
N ILE B 15 38.32 -14.13 -20.92
CA ILE B 15 37.12 -13.44 -21.43
C ILE B 15 37.06 -12.05 -20.81
N PRO B 16 36.86 -10.98 -21.61
CA PRO B 16 36.76 -10.91 -23.07
C PRO B 16 38.06 -10.45 -23.72
N HIS B 17 39.18 -10.53 -23.01
CA HIS B 17 40.44 -9.98 -23.53
C HIS B 17 40.87 -10.71 -24.80
N ARG B 18 40.78 -12.03 -24.82
CA ARG B 18 41.26 -12.81 -25.95
C ARG B 18 40.21 -13.74 -26.56
N CYS B 19 39.02 -13.84 -25.96
CA CYS B 19 37.97 -14.69 -26.51
C CYS B 19 36.61 -14.15 -26.07
N ASN B 20 35.65 -14.21 -26.99
CA ASN B 20 34.31 -13.74 -26.69
C ASN B 20 33.64 -14.62 -25.63
N SER B 21 33.77 -15.93 -25.76
CA SER B 21 33.15 -16.87 -24.83
C SER B 21 33.72 -18.25 -25.08
N LEU B 22 33.45 -19.15 -24.14
CA LEU B 22 33.90 -20.53 -24.28
C LEU B 22 33.37 -21.11 -25.59
N PRO B 23 33.93 -22.24 -26.04
CA PRO B 23 33.43 -22.86 -27.26
C PRO B 23 31.95 -23.21 -27.12
N ALA B 24 31.23 -23.08 -28.23
CA ALA B 24 29.77 -23.28 -28.19
C ALA B 24 29.41 -24.65 -27.65
N LYS B 25 30.28 -25.64 -27.83
CA LYS B 25 29.97 -27.00 -27.39
C LYS B 25 30.47 -27.29 -25.99
N PHE B 26 31.53 -26.59 -25.55
CA PHE B 26 32.01 -26.76 -24.18
C PHE B 26 30.94 -26.37 -23.17
N LYS B 27 30.21 -25.29 -23.47
CA LYS B 27 29.11 -24.79 -22.61
C LYS B 27 28.09 -25.92 -22.43
N LYS B 28 27.73 -26.63 -23.50
CA LYS B 28 26.77 -27.73 -23.44
C LYS B 28 27.32 -28.90 -22.65
N LEU B 29 28.58 -29.25 -22.86
CA LEU B 29 29.14 -30.39 -22.13
C LEU B 29 29.29 -30.14 -20.64
N LEU B 30 29.14 -28.90 -20.19
CA LEU B 30 29.17 -28.58 -18.76
C LEU B 30 27.75 -28.27 -18.28
N VAL B 31 27.36 -28.93 -17.19
CA VAL B 31 26.02 -28.74 -16.64
C VAL B 31 26.13 -28.47 -15.14
N PRO B 32 25.29 -27.60 -14.57
CA PRO B 32 25.33 -27.39 -13.12
C PRO B 32 24.89 -28.64 -12.36
N GLY B 33 25.40 -28.76 -11.13
CA GLY B 33 25.00 -29.82 -10.24
C GLY B 33 25.71 -31.14 -10.43
N LYS B 34 26.65 -31.22 -11.37
CA LYS B 34 27.42 -32.44 -11.60
C LYS B 34 28.89 -32.31 -11.23
N ILE B 35 29.37 -31.09 -10.99
CA ILE B 35 30.78 -30.84 -10.72
C ILE B 35 30.91 -30.56 -9.22
N GLN B 36 31.78 -31.31 -8.56
CA GLN B 36 31.94 -31.15 -7.12
C GLN B 36 32.87 -29.98 -6.79
N HIS B 37 34.06 -29.96 -7.40
CA HIS B 37 35.05 -28.93 -7.13
C HIS B 37 35.46 -28.28 -8.44
N ILE B 38 35.91 -27.03 -8.37
CA ILE B 38 36.37 -26.31 -9.56
C ILE B 38 37.71 -25.66 -9.21
N LEU B 39 38.78 -26.10 -9.87
CA LEU B 39 40.10 -25.50 -9.74
C LEU B 39 40.38 -24.62 -10.96
N CYS B 40 40.80 -23.39 -10.70
CA CYS B 40 41.01 -22.39 -11.73
C CYS B 40 42.48 -21.96 -11.75
N THR B 41 43.06 -21.92 -12.94
CA THR B 41 44.44 -21.46 -13.10
C THR B 41 44.54 -19.93 -13.14
N GLY B 42 43.44 -19.23 -13.14
CA GLY B 42 43.44 -17.78 -13.18
C GLY B 42 43.04 -17.24 -14.54
N ASN B 43 43.47 -16.03 -14.84
CA ASN B 43 43.12 -15.40 -16.13
C ASN B 43 41.59 -15.47 -16.25
N LEU B 44 40.82 -15.15 -15.21
CA LEU B 44 39.38 -14.96 -15.38
C LEU B 44 39.09 -13.62 -16.06
N CYS B 45 39.74 -12.56 -15.58
CA CYS B 45 39.70 -11.25 -16.22
C CYS B 45 38.37 -10.54 -16.01
N THR B 46 37.40 -11.22 -15.40
CA THR B 46 36.07 -10.63 -15.22
C THR B 46 35.38 -11.26 -14.03
N LYS B 47 34.42 -10.52 -13.47
CA LYS B 47 33.52 -11.09 -12.48
C LYS B 47 32.48 -11.99 -13.12
N GLU B 48 32.07 -11.68 -14.36
CA GLU B 48 31.08 -12.50 -15.03
C GLU B 48 31.59 -13.93 -15.21
N SER B 49 32.87 -14.09 -15.50
CA SER B 49 33.43 -15.43 -15.60
C SER B 49 33.34 -16.16 -14.27
N TYR B 50 33.62 -15.46 -13.17
CA TYR B 50 33.50 -16.08 -11.85
C TYR B 50 32.07 -16.52 -11.60
N ASP B 51 31.10 -15.66 -11.95
CA ASP B 51 29.70 -16.03 -11.77
C ASP B 51 29.33 -17.25 -12.60
N TYR B 52 29.76 -17.29 -13.87
CA TYR B 52 29.49 -18.46 -14.67
C TYR B 52 30.12 -19.70 -14.05
N LEU B 53 31.27 -19.54 -13.41
CA LEU B 53 31.88 -20.67 -12.72
C LEU B 53 31.02 -21.12 -11.54
N LYS B 54 30.49 -20.17 -10.78
CA LYS B 54 29.72 -20.53 -9.59
C LYS B 54 28.48 -21.33 -9.96
N THR B 55 27.87 -21.04 -11.10
CA THR B 55 26.70 -21.80 -11.54
C THR B 55 27.06 -23.15 -12.15
N LEU B 56 28.29 -23.62 -11.94
CA LEU B 56 28.66 -24.97 -12.31
C LEU B 56 28.90 -25.89 -11.11
N ALA B 57 29.17 -25.33 -9.94
CA ALA B 57 29.45 -26.13 -8.75
C ALA B 57 29.33 -25.22 -7.53
N GLY B 58 29.70 -25.76 -6.37
CA GLY B 58 29.64 -25.00 -5.13
C GLY B 58 30.99 -24.54 -4.64
N ASP B 59 32.01 -25.39 -4.81
CA ASP B 59 33.36 -25.11 -4.33
C ASP B 59 34.22 -24.66 -5.50
N VAL B 60 34.78 -23.45 -5.38
CA VAL B 60 35.53 -22.82 -6.46
C VAL B 60 36.81 -22.25 -5.86
N HIS B 61 37.96 -22.84 -6.20
CA HIS B 61 39.27 -22.32 -5.81
C HIS B 61 39.93 -21.70 -7.03
N ILE B 62 40.45 -20.48 -6.85
CA ILE B 62 40.93 -19.64 -7.94
C ILE B 62 42.21 -18.95 -7.50
N VAL B 63 43.19 -18.90 -8.40
CA VAL B 63 44.44 -18.18 -8.14
C VAL B 63 44.58 -17.03 -9.13
N ARG B 64 45.60 -16.21 -8.91
CA ARG B 64 45.71 -14.92 -9.56
C ARG B 64 46.49 -15.05 -10.85
N GLY B 65 45.83 -14.77 -11.97
CA GLY B 65 46.50 -14.70 -13.25
C GLY B 65 47.14 -13.34 -13.47
N ASP B 66 47.83 -13.21 -14.59
CA ASP B 66 48.47 -11.94 -14.92
C ASP B 66 47.48 -10.87 -15.33
N PHE B 67 46.24 -11.26 -15.68
CA PHE B 67 45.27 -10.31 -16.21
C PHE B 67 43.93 -10.34 -15.47
N ASP B 68 43.86 -11.01 -14.33
CA ASP B 68 42.62 -11.02 -13.56
C ASP B 68 42.26 -9.60 -13.14
N GLU B 69 41.00 -9.23 -13.33
CA GLU B 69 40.52 -7.93 -12.87
C GLU B 69 40.55 -7.85 -11.35
N ASN B 70 40.29 -8.96 -10.68
CA ASN B 70 40.29 -9.03 -9.23
C ASN B 70 41.65 -9.50 -8.74
N LEU B 71 42.31 -8.67 -7.94
CA LEU B 71 43.63 -9.00 -7.40
C LEU B 71 43.58 -9.70 -6.05
N ASN B 72 42.39 -9.82 -5.45
CA ASN B 72 42.26 -10.43 -4.13
C ASN B 72 42.39 -11.93 -4.15
N TYR B 73 42.77 -12.52 -5.28
CA TYR B 73 42.94 -13.96 -5.37
C TYR B 73 44.19 -14.40 -4.59
N PRO B 74 44.22 -15.66 -4.18
CA PRO B 74 45.48 -16.20 -3.61
C PRO B 74 46.51 -16.44 -4.69
N GLU B 75 47.76 -16.06 -4.40
CA GLU B 75 48.82 -16.23 -5.39
C GLU B 75 49.16 -17.70 -5.57
N GLN B 76 49.19 -18.46 -4.49
CA GLN B 76 49.36 -19.90 -4.54
C GLN B 76 48.39 -20.52 -3.54
N LYS B 77 47.73 -21.61 -3.91
CA LYS B 77 46.68 -22.16 -3.06
C LYS B 77 46.79 -23.68 -3.05
N VAL B 78 46.91 -24.25 -1.86
CA VAL B 78 46.94 -25.70 -1.67
C VAL B 78 45.63 -26.10 -1.00
N VAL B 79 44.95 -27.09 -1.58
CA VAL B 79 43.68 -27.56 -1.04
C VAL B 79 43.66 -29.08 -1.06
N THR B 80 42.88 -29.64 -0.16
CA THR B 80 42.83 -31.08 0.08
C THR B 80 41.49 -31.62 -0.41
N VAL B 81 41.54 -32.59 -1.32
CA VAL B 81 40.36 -33.33 -1.74
C VAL B 81 40.63 -34.81 -1.52
N GLY B 82 39.76 -35.46 -0.76
CA GLY B 82 39.95 -36.88 -0.45
C GLY B 82 41.27 -37.10 0.25
N GLN B 83 42.01 -38.10 -0.20
CA GLN B 83 43.35 -38.40 0.31
C GLN B 83 44.42 -37.71 -0.52
N PHE B 84 44.05 -36.76 -1.38
CA PHE B 84 44.99 -36.08 -2.25
C PHE B 84 45.05 -34.60 -1.89
N LYS B 85 46.23 -34.01 -2.09
CA LYS B 85 46.43 -32.58 -1.93
C LYS B 85 46.85 -32.01 -3.27
N ILE B 86 46.18 -30.95 -3.70
CA ILE B 86 46.43 -30.31 -4.98
C ILE B 86 46.90 -28.89 -4.70
N GLY B 87 48.05 -28.53 -5.26
CA GLY B 87 48.59 -27.18 -5.18
C GLY B 87 48.40 -26.51 -6.53
N LEU B 88 47.95 -25.27 -6.51
CA LEU B 88 47.52 -24.57 -7.71
C LEU B 88 48.15 -23.20 -7.75
N ILE B 89 48.85 -22.93 -8.86
CA ILE B 89 49.40 -21.62 -9.18
C ILE B 89 49.13 -21.33 -10.65
N HIS B 90 49.15 -20.05 -11.01
CA HIS B 90 48.83 -19.66 -12.37
C HIS B 90 49.80 -20.27 -13.37
N GLY B 91 51.09 -20.09 -13.15
CA GLY B 91 52.09 -20.64 -14.04
C GLY B 91 53.06 -19.61 -14.55
N HIS B 92 52.59 -18.37 -14.72
CA HIS B 92 53.46 -17.32 -15.25
C HIS B 92 54.62 -17.01 -14.32
N GLN B 93 54.50 -17.38 -13.04
CA GLN B 93 55.51 -17.00 -12.06
C GLN B 93 56.86 -17.64 -12.36
N VAL B 94 56.85 -18.91 -12.78
CA VAL B 94 58.10 -19.63 -12.97
C VAL B 94 59.04 -18.81 -13.83
N ILE B 95 60.33 -18.85 -13.49
CA ILE B 95 61.31 -18.00 -14.16
C ILE B 95 61.63 -18.58 -15.54
N PRO B 96 62.04 -19.84 -15.69
CA PRO B 96 61.94 -20.46 -17.01
C PRO B 96 60.54 -21.00 -17.26
N TRP B 97 59.86 -20.47 -18.28
CA TRP B 97 58.49 -20.88 -18.56
C TRP B 97 58.41 -22.39 -18.76
N GLY B 98 57.41 -23.01 -18.13
CA GLY B 98 57.15 -24.41 -18.36
C GLY B 98 58.35 -25.30 -18.09
N ASP B 99 59.07 -25.06 -17.00
CA ASP B 99 60.25 -25.84 -16.64
C ASP B 99 59.86 -26.95 -15.68
N MET B 100 60.20 -28.18 -16.03
CA MET B 100 59.91 -29.30 -15.14
C MET B 100 60.62 -29.13 -13.81
N ALA B 101 61.88 -28.70 -13.83
CA ALA B 101 62.62 -28.51 -12.59
C ALA B 101 61.98 -27.45 -11.73
N SER B 102 61.53 -26.35 -12.34
CA SER B 102 60.88 -25.29 -11.57
C SER B 102 59.58 -25.80 -10.95
N LEU B 103 58.79 -26.55 -11.70
CA LEU B 103 57.56 -27.11 -11.15
C LEU B 103 57.86 -28.06 -10.00
N ALA B 104 58.90 -28.89 -10.13
CA ALA B 104 59.25 -29.80 -9.06
C ALA B 104 59.70 -29.05 -7.81
N LEU B 105 60.49 -27.98 -8.00
CA LEU B 105 60.93 -27.17 -6.88
C LEU B 105 59.74 -26.54 -6.16
N LEU B 106 58.80 -25.99 -6.93
CA LEU B 106 57.61 -25.43 -6.30
C LEU B 106 56.83 -26.51 -5.58
N GLN B 107 56.70 -27.69 -6.20
CA GLN B 107 55.96 -28.78 -5.57
C GLN B 107 56.56 -29.10 -4.22
N ARG B 108 57.89 -29.27 -4.18
CA ARG B 108 58.58 -29.45 -2.91
C ARG B 108 58.18 -28.34 -1.94
N GLN B 109 58.17 -27.09 -2.43
CA GLN B 109 57.90 -25.97 -1.53
C GLN B 109 56.52 -26.09 -0.90
N PHE B 110 55.52 -26.54 -1.64
CA PHE B 110 54.22 -26.71 -1.00
C PHE B 110 54.10 -28.04 -0.26
N ASP B 111 54.93 -29.03 -0.58
CA ASP B 111 54.78 -30.38 -0.06
C ASP B 111 53.40 -30.93 -0.43
N VAL B 112 53.17 -31.04 -1.74
CA VAL B 112 51.87 -31.40 -2.28
C VAL B 112 52.03 -32.58 -3.23
N ASP B 113 50.93 -33.33 -3.40
CA ASP B 113 50.96 -34.52 -4.24
C ASP B 113 50.96 -34.14 -5.72
N ILE B 114 50.13 -33.18 -6.11
CA ILE B 114 49.96 -32.81 -7.51
C ILE B 114 49.91 -31.29 -7.60
N LEU B 115 50.54 -30.74 -8.64
CA LEU B 115 50.59 -29.30 -8.87
C LEU B 115 50.00 -28.96 -10.23
N ILE B 116 49.29 -27.83 -10.28
CA ILE B 116 48.58 -27.39 -11.48
C ILE B 116 49.18 -26.05 -11.92
N SER B 117 49.69 -26.01 -13.13
CA SER B 117 50.18 -24.79 -13.75
C SER B 117 49.72 -24.76 -15.20
N GLY B 118 49.24 -23.60 -15.64
CA GLY B 118 48.62 -23.55 -16.96
C GLY B 118 48.84 -22.33 -17.81
N HIS B 119 49.91 -21.57 -17.59
CA HIS B 119 50.14 -20.39 -18.43
C HIS B 119 50.43 -20.80 -19.87
N THR B 120 51.26 -21.81 -20.06
CA THR B 120 51.62 -22.27 -21.40
C THR B 120 50.44 -23.02 -21.99
N HIS B 121 49.69 -22.35 -22.85
CA HIS B 121 48.40 -22.86 -23.30
C HIS B 121 48.52 -24.30 -23.75
N LYS B 122 49.72 -24.71 -24.16
CA LYS B 122 49.94 -26.08 -24.54
C LYS B 122 49.68 -26.99 -23.36
N PHE B 123 48.58 -27.74 -23.42
CA PHE B 123 48.22 -28.67 -22.37
C PHE B 123 49.38 -29.63 -22.11
N GLU B 124 49.43 -30.17 -20.88
CA GLU B 124 50.42 -31.19 -20.56
C GLU B 124 49.88 -32.12 -19.49
N ALA B 125 50.44 -33.33 -19.44
CA ALA B 125 50.07 -34.30 -18.42
C ALA B 125 51.21 -35.29 -18.29
N PHE B 126 51.94 -35.23 -17.17
CA PHE B 126 53.12 -36.07 -17.01
C PHE B 126 53.34 -36.43 -15.56
N GLU B 127 53.83 -37.65 -15.34
CA GLU B 127 54.22 -38.14 -14.02
C GLU B 127 55.74 -38.23 -13.98
N HIS B 128 56.35 -37.41 -13.13
CA HIS B 128 57.80 -37.37 -12.96
C HIS B 128 58.13 -37.52 -11.48
N GLU B 129 59.00 -38.47 -11.16
CA GLU B 129 59.38 -38.75 -9.78
C GLU B 129 58.13 -39.06 -8.94
N ASN B 130 57.18 -39.78 -9.53
CA ASN B 130 55.93 -40.15 -8.90
C ASN B 130 55.04 -38.94 -8.60
N LYS B 131 55.36 -37.77 -9.16
CA LYS B 131 54.55 -36.57 -9.00
C LYS B 131 53.78 -36.33 -10.29
N PHE B 132 52.46 -36.23 -10.17
CA PHE B 132 51.59 -35.99 -11.32
C PHE B 132 51.43 -34.50 -11.53
N TYR B 133 51.53 -34.07 -12.79
CA TYR B 133 51.41 -32.66 -13.13
C TYR B 133 50.53 -32.53 -14.36
N ILE B 134 49.58 -31.59 -14.31
CA ILE B 134 48.62 -31.36 -15.38
C ILE B 134 48.60 -29.88 -15.69
N ASN B 135 48.76 -29.56 -16.98
CA ASN B 135 48.63 -28.17 -17.49
C ASN B 135 47.31 -28.20 -18.27
N PRO B 136 46.23 -27.55 -17.83
CA PRO B 136 44.94 -27.70 -18.51
C PRO B 136 44.93 -27.18 -19.94
N GLY B 137 45.71 -26.16 -20.23
CA GLY B 137 45.49 -25.39 -21.43
C GLY B 137 44.38 -24.38 -21.21
N SER B 138 43.93 -23.79 -22.30
CA SER B 138 42.85 -22.80 -22.26
C SER B 138 41.54 -23.48 -22.64
N ALA B 139 40.52 -23.29 -21.80
CA ALA B 139 39.19 -23.75 -22.15
C ALA B 139 38.61 -22.97 -23.32
N THR B 140 39.17 -21.80 -23.63
CA THR B 140 38.66 -20.92 -24.67
C THR B 140 39.48 -20.97 -25.95
N GLY B 141 40.52 -21.80 -26.01
CA GLY B 141 41.36 -21.84 -27.19
C GLY B 141 42.07 -20.55 -27.49
N ALA B 142 42.21 -19.67 -26.50
CA ALA B 142 42.80 -18.35 -26.74
C ALA B 142 44.22 -18.50 -27.29
N TYR B 143 44.77 -17.39 -27.74
CA TYR B 143 46.09 -17.38 -28.35
C TYR B 143 47.17 -17.20 -27.30
N ASN B 144 48.41 -17.52 -27.70
CA ASN B 144 49.58 -17.23 -26.89
C ASN B 144 50.79 -17.08 -27.80
N ALA B 145 51.76 -16.30 -27.34
CA ALA B 145 52.93 -16.02 -28.16
C ALA B 145 53.72 -17.29 -28.46
N LEU B 146 53.64 -18.29 -27.59
CA LEU B 146 54.51 -19.46 -27.67
C LEU B 146 54.07 -20.50 -28.69
N GLU B 147 52.86 -20.36 -29.26
CA GLU B 147 52.31 -21.41 -30.10
C GLU B 147 51.66 -20.79 -31.33
N THR B 148 51.31 -21.66 -32.28
CA THR B 148 50.62 -21.27 -33.50
C THR B 148 49.12 -21.58 -33.40
N ASN B 149 48.78 -22.85 -33.20
CA ASN B 149 47.40 -23.28 -33.00
C ASN B 149 47.21 -23.65 -31.54
N ILE B 150 46.06 -23.27 -30.98
CA ILE B 150 45.78 -23.44 -29.56
C ILE B 150 44.42 -24.12 -29.45
N ILE B 151 44.41 -25.44 -29.38
CA ILE B 151 43.15 -26.17 -29.28
C ILE B 151 42.53 -25.92 -27.91
N PRO B 152 41.26 -25.54 -27.81
CA PRO B 152 40.65 -25.38 -26.48
C PRO B 152 40.68 -26.70 -25.73
N SER B 153 40.91 -26.62 -24.42
CA SER B 153 40.98 -27.85 -23.64
C SER B 153 40.63 -27.56 -22.19
N PHE B 154 40.18 -28.62 -21.50
CA PHE B 154 39.93 -28.56 -20.06
C PHE B 154 39.92 -29.97 -19.51
N VAL B 155 40.26 -30.11 -18.22
CA VAL B 155 40.46 -31.41 -17.60
C VAL B 155 39.33 -31.67 -16.62
N LEU B 156 38.96 -32.95 -16.49
CA LEU B 156 38.03 -33.44 -15.49
C LEU B 156 38.75 -34.51 -14.69
N MET B 157 39.13 -34.18 -13.45
CA MET B 157 39.87 -35.08 -12.59
C MET B 157 38.88 -35.77 -11.65
N ASP B 158 38.78 -37.09 -11.75
CA ASP B 158 37.96 -37.89 -10.85
C ASP B 158 38.87 -38.62 -9.87
N ILE B 159 38.59 -38.44 -8.59
CA ILE B 159 39.40 -38.97 -7.51
C ILE B 159 38.59 -40.02 -6.77
N GLN B 160 39.19 -41.20 -6.59
CA GLN B 160 38.55 -42.32 -5.89
C GLN B 160 39.60 -42.93 -4.98
N ALA B 161 39.53 -42.61 -3.69
CA ALA B 161 40.49 -43.09 -2.69
C ALA B 161 41.87 -42.57 -3.11
N SER B 162 42.84 -43.43 -3.40
CA SER B 162 44.16 -43.00 -3.83
C SER B 162 44.34 -43.01 -5.34
N THR B 163 43.30 -43.35 -6.10
CA THR B 163 43.38 -43.44 -7.55
C THR B 163 42.80 -42.17 -8.18
N VAL B 164 43.39 -41.75 -9.30
CA VAL B 164 42.93 -40.59 -10.03
C VAL B 164 42.80 -40.96 -11.51
N VAL B 165 41.65 -40.66 -12.09
CA VAL B 165 41.43 -40.85 -13.52
C VAL B 165 41.03 -39.50 -14.09
N THR B 166 41.78 -39.03 -15.07
CA THR B 166 41.57 -37.72 -15.67
C THR B 166 41.05 -37.89 -17.09
N TYR B 167 39.92 -37.26 -17.37
CA TYR B 167 39.34 -37.17 -18.70
C TYR B 167 39.60 -35.76 -19.21
N VAL B 168 40.48 -35.64 -20.20
CA VAL B 168 40.82 -34.34 -20.78
C VAL B 168 40.02 -34.19 -22.08
N TYR B 169 39.32 -33.07 -22.21
CA TYR B 169 38.52 -32.77 -23.39
C TYR B 169 39.17 -31.64 -24.15
N GLN B 170 39.38 -31.84 -25.45
CA GLN B 170 39.99 -30.84 -26.32
C GLN B 170 39.16 -30.70 -27.59
N LEU B 171 38.82 -29.46 -27.93
CA LEU B 171 38.02 -29.17 -29.12
C LEU B 171 38.96 -28.99 -30.31
N ILE B 172 38.87 -29.90 -31.28
CA ILE B 172 39.64 -29.81 -32.52
C ILE B 172 38.65 -29.71 -33.66
N GLY B 173 38.84 -28.70 -34.52
CA GLY B 173 37.90 -28.46 -35.59
C GLY B 173 36.50 -28.22 -35.05
N ASP B 174 35.61 -29.20 -35.26
CA ASP B 174 34.26 -29.14 -34.73
C ASP B 174 33.90 -30.39 -33.92
N ASP B 175 34.90 -31.11 -33.42
CA ASP B 175 34.69 -32.31 -32.64
C ASP B 175 35.50 -32.23 -31.35
N VAL B 176 34.92 -32.73 -30.26
CA VAL B 176 35.58 -32.76 -28.96
C VAL B 176 36.18 -34.14 -28.76
N LYS B 177 37.50 -34.18 -28.59
CA LYS B 177 38.23 -35.41 -28.35
C LYS B 177 38.50 -35.59 -26.86
N VAL B 178 38.29 -36.81 -26.37
CA VAL B 178 38.40 -37.12 -24.96
C VAL B 178 39.54 -38.13 -24.79
N GLU B 179 40.45 -37.84 -23.88
CA GLU B 179 41.56 -38.74 -23.58
C GLU B 179 41.59 -39.04 -22.09
N ARG B 180 42.04 -40.25 -21.75
CA ARG B 180 42.02 -40.76 -20.39
C ARG B 180 43.45 -40.97 -19.90
N ILE B 181 43.73 -40.51 -18.69
CA ILE B 181 45.02 -40.73 -18.04
C ILE B 181 44.76 -41.24 -16.63
N GLU B 182 45.71 -42.04 -16.11
CA GLU B 182 45.56 -42.70 -14.82
C GLU B 182 46.77 -42.43 -13.95
N TYR B 183 46.52 -42.19 -12.65
CA TYR B 183 47.56 -41.91 -11.69
C TYR B 183 47.22 -42.60 -10.38
N LYS B 184 48.25 -43.12 -9.71
CA LYS B 184 48.08 -43.88 -8.47
C LYS B 184 49.22 -43.50 -7.52
N LYS B 185 48.88 -42.80 -6.44
CA LYS B 185 49.90 -42.38 -5.50
C LYS B 185 50.66 -43.59 -5.00
N PRO B 186 52.00 -43.61 -5.06
CA PRO B 186 52.75 -44.79 -4.60
C PRO B 186 52.46 -45.13 -3.14
N MET C 1 -10.99 3.70 62.28
CA MET C 1 -10.84 2.61 61.26
C MET C 1 -12.11 2.51 60.42
N GLY C 2 -11.92 2.26 59.13
CA GLY C 2 -13.03 2.10 58.21
C GLY C 2 -12.80 0.94 57.27
N THR C 3 -13.89 0.29 56.88
CA THR C 3 -13.83 -0.86 55.98
C THR C 3 -14.80 -0.70 54.82
N ALA C 4 -14.96 -1.72 54.00
CA ALA C 4 -15.76 -1.65 52.79
C ALA C 4 -17.01 -2.51 52.92
N LEU C 5 -18.17 -1.90 52.66
CA LEU C 5 -19.44 -2.59 52.66
C LEU C 5 -20.16 -2.34 51.34
N ASP C 6 -20.84 -3.36 50.83
CA ASP C 6 -21.52 -3.22 49.55
C ASP C 6 -22.73 -4.14 49.49
N ILE C 7 -23.64 -3.80 48.59
CA ILE C 7 -24.89 -4.51 48.36
C ILE C 7 -24.91 -4.96 46.90
N LYS C 8 -25.21 -6.24 46.67
CA LYS C 8 -25.15 -6.81 45.34
C LYS C 8 -26.47 -7.46 45.00
N ILE C 9 -26.95 -7.21 43.78
CA ILE C 9 -28.24 -7.67 43.28
C ILE C 9 -28.00 -8.82 42.32
N LYS C 10 -28.80 -9.88 42.47
CA LYS C 10 -28.54 -11.10 41.70
C LYS C 10 -28.68 -10.86 40.20
N ARG C 11 -29.72 -10.14 39.80
CA ARG C 11 -29.97 -9.92 38.37
C ARG C 11 -29.10 -8.78 37.86
N ALA C 12 -28.43 -9.03 36.73
CA ALA C 12 -27.55 -8.02 36.16
C ALA C 12 -28.33 -6.78 35.75
N ASN C 13 -29.47 -6.96 35.09
CA ASN C 13 -30.29 -5.84 34.62
C ASN C 13 -31.26 -5.33 35.68
N LYS C 14 -31.36 -5.99 36.83
CA LYS C 14 -32.19 -5.51 37.97
C LYS C 14 -33.68 -5.51 37.60
N VAL C 15 -34.11 -6.16 36.53
CA VAL C 15 -35.50 -6.09 36.07
C VAL C 15 -36.34 -7.03 36.92
N TYR C 16 -37.44 -6.51 37.47
CA TYR C 16 -38.30 -7.28 38.34
C TYR C 16 -39.75 -6.85 38.09
N HIS C 17 -40.68 -7.76 38.40
CA HIS C 17 -42.08 -7.58 38.11
C HIS C 17 -42.91 -7.96 39.31
N ALA C 18 -44.19 -7.60 39.27
CA ALA C 18 -45.12 -8.00 40.33
C ALA C 18 -45.20 -9.51 40.39
N GLY C 19 -45.15 -10.05 41.60
CA GLY C 19 -45.14 -11.48 41.81
C GLY C 19 -43.76 -12.10 41.90
N GLU C 20 -42.71 -11.34 41.58
CA GLU C 20 -41.35 -11.84 41.68
C GLU C 20 -40.80 -11.57 43.07
N VAL C 21 -39.58 -12.08 43.31
CA VAL C 21 -38.89 -11.93 44.59
C VAL C 21 -37.48 -11.43 44.31
N LEU C 22 -37.10 -10.35 44.98
CA LEU C 22 -35.77 -9.78 44.82
C LEU C 22 -34.80 -10.50 45.74
N SER C 23 -33.62 -10.85 45.21
CA SER C 23 -32.61 -11.55 45.96
C SER C 23 -31.26 -10.86 45.78
N GLY C 24 -30.43 -10.94 46.81
CA GLY C 24 -29.12 -10.33 46.73
C GLY C 24 -28.25 -10.78 47.89
N VAL C 25 -27.07 -10.17 47.98
CA VAL C 25 -26.11 -10.48 49.02
C VAL C 25 -25.44 -9.20 49.49
N VAL C 26 -25.26 -9.08 50.81
CA VAL C 26 -24.49 -7.99 51.39
C VAL C 26 -23.08 -8.51 51.65
N VAL C 27 -22.08 -7.85 51.08
CA VAL C 27 -20.70 -8.32 51.13
C VAL C 27 -19.82 -7.22 51.71
N ILE C 28 -18.96 -7.60 52.66
CA ILE C 28 -18.11 -6.67 53.37
C ILE C 28 -16.67 -7.17 53.33
N SER C 29 -15.75 -6.29 52.94
CA SER C 29 -14.32 -6.53 53.05
C SER C 29 -13.79 -5.70 54.21
N SER C 30 -13.07 -6.36 55.12
CA SER C 30 -12.64 -5.72 56.36
C SER C 30 -11.13 -5.89 56.54
N LYS C 31 -10.46 -4.78 56.85
CA LYS C 31 -9.04 -4.84 57.21
C LYS C 31 -8.83 -5.29 58.65
N ASP C 32 -9.89 -5.42 59.44
CA ASP C 32 -9.76 -5.78 60.84
C ASP C 32 -10.99 -6.58 61.26
N SER C 33 -10.85 -7.35 62.34
CA SER C 33 -11.94 -8.15 62.89
C SER C 33 -12.86 -7.22 63.68
N VAL C 34 -13.77 -6.58 62.96
CA VAL C 34 -14.56 -5.48 63.52
C VAL C 34 -15.74 -6.05 64.27
N GLN C 35 -15.79 -5.81 65.58
CA GLN C 35 -16.98 -6.08 66.38
C GLN C 35 -17.98 -4.95 66.16
N HIS C 36 -19.26 -5.31 66.03
CA HIS C 36 -20.30 -4.35 65.71
C HIS C 36 -21.56 -4.70 66.52
N GLN C 37 -22.60 -3.89 66.33
CA GLN C 37 -23.88 -4.10 66.97
C GLN C 37 -24.98 -4.51 66.02
N GLY C 38 -24.81 -4.30 64.71
CA GLY C 38 -25.78 -4.78 63.75
C GLY C 38 -25.70 -4.08 62.41
N VAL C 39 -26.01 -4.83 61.34
CA VAL C 39 -26.09 -4.30 59.99
C VAL C 39 -27.47 -4.62 59.46
N SER C 40 -28.22 -3.59 59.06
CA SER C 40 -29.62 -3.74 58.70
C SER C 40 -29.86 -3.32 57.26
N LEU C 41 -30.94 -3.84 56.68
CA LEU C 41 -31.33 -3.56 55.31
C LEU C 41 -32.79 -3.15 55.29
N THR C 42 -33.13 -2.25 54.36
CA THR C 42 -34.47 -1.72 54.24
C THR C 42 -34.82 -1.54 52.77
N MET C 43 -35.91 -2.17 52.33
CA MET C 43 -36.41 -2.03 50.97
C MET C 43 -37.62 -1.12 50.97
N GLU C 44 -37.62 -0.13 50.08
CA GLU C 44 -38.70 0.85 50.02
C GLU C 44 -39.05 1.12 48.57
N GLY C 45 -40.30 1.53 48.34
CA GLY C 45 -40.74 1.98 47.03
C GLY C 45 -41.62 3.20 47.15
N THR C 46 -41.25 4.29 46.50
CA THR C 46 -41.94 5.55 46.70
C THR C 46 -42.06 6.30 45.37
N VAL C 47 -42.83 7.39 45.41
CA VAL C 47 -43.03 8.28 44.28
C VAL C 47 -42.98 9.71 44.82
N ASN C 48 -41.97 10.48 44.40
CA ASN C 48 -41.73 11.81 44.96
C ASN C 48 -42.37 12.87 44.07
N LEU C 49 -43.69 12.94 44.14
CA LEU C 49 -44.42 14.00 43.44
C LEU C 49 -43.96 15.36 43.95
N GLN C 50 -43.38 16.15 43.06
CA GLN C 50 -43.02 17.53 43.38
C GLN C 50 -44.26 18.39 43.25
N LEU C 51 -44.08 19.70 43.29
CA LEU C 51 -45.18 20.65 43.14
C LEU C 51 -44.83 21.65 42.06
N SER C 52 -45.81 21.99 41.24
CA SER C 52 -45.58 22.91 40.13
C SER C 52 -45.03 24.23 40.64
N ALA C 53 -43.97 24.70 40.00
CA ALA C 53 -43.33 25.96 40.39
C ALA C 53 -44.27 27.13 40.15
N TYR C 63 -49.89 20.65 48.89
CA TYR C 63 -51.28 21.01 48.63
C TYR C 63 -52.20 19.88 49.11
N ASN C 64 -53.40 19.79 48.54
CA ASN C 64 -54.39 18.85 49.05
C ASN C 64 -53.93 17.41 48.92
N SER C 65 -53.52 17.01 47.71
CA SER C 65 -53.24 15.61 47.40
C SER C 65 -51.92 15.47 46.65
N VAL C 66 -50.87 16.12 47.15
CA VAL C 66 -49.55 16.06 46.55
C VAL C 66 -48.54 15.38 47.47
N LYS C 67 -49.01 14.72 48.53
CA LYS C 67 -48.10 14.07 49.45
C LYS C 67 -47.42 12.88 48.78
N PRO C 68 -46.15 12.61 49.08
CA PRO C 68 -45.53 11.37 48.59
C PRO C 68 -46.27 10.15 49.10
N ILE C 69 -46.36 9.13 48.26
CA ILE C 69 -47.05 7.89 48.60
C ILE C 69 -46.06 6.75 48.47
N GLN C 70 -46.32 5.68 49.23
CA GLN C 70 -45.44 4.52 49.31
C GLN C 70 -46.17 3.31 48.75
N ILE C 71 -45.49 2.57 47.89
CA ILE C 71 -46.08 1.39 47.25
C ILE C 71 -45.78 0.12 48.04
N ILE C 72 -44.52 -0.04 48.46
CA ILE C 72 -44.09 -1.25 49.16
C ILE C 72 -43.01 -0.85 50.16
N ASN C 73 -42.97 -1.55 51.29
CA ASN C 73 -41.99 -1.24 52.33
C ASN C 73 -41.74 -2.48 53.17
N SER C 74 -40.46 -2.74 53.46
CA SER C 74 -40.08 -3.81 54.36
C SER C 74 -38.68 -3.53 54.88
N THR C 75 -38.31 -4.20 55.97
CA THR C 75 -36.99 -4.03 56.54
C THR C 75 -36.62 -5.29 57.32
N ILE C 76 -35.32 -5.59 57.33
CA ILE C 76 -34.79 -6.75 58.06
C ILE C 76 -33.47 -6.34 58.70
N GLU C 77 -33.35 -6.56 60.00
CA GLU C 77 -32.07 -6.41 60.67
C GLU C 77 -31.19 -7.57 60.24
N MET C 78 -30.39 -7.37 59.19
CA MET C 78 -29.68 -8.50 58.59
C MET C 78 -28.73 -9.16 59.58
N VAL C 79 -28.01 -8.37 60.36
CA VAL C 79 -26.98 -8.89 61.26
C VAL C 79 -27.25 -8.37 62.66
N LYS C 80 -27.25 -9.28 63.63
CA LYS C 80 -27.33 -8.92 65.04
C LYS C 80 -25.97 -8.40 65.50
N PRO C 81 -25.84 -8.03 66.77
CA PRO C 81 -24.52 -7.69 67.28
C PRO C 81 -23.55 -8.85 67.09
N GLY C 82 -22.34 -8.53 66.65
CA GLY C 82 -21.36 -9.55 66.33
C GLY C 82 -20.04 -8.93 65.96
N LYS C 83 -19.23 -9.70 65.23
CA LYS C 83 -17.92 -9.23 64.80
C LYS C 83 -17.62 -9.74 63.41
N PHE C 84 -17.14 -8.83 62.56
CA PHE C 84 -16.82 -9.14 61.17
C PHE C 84 -15.32 -9.33 61.02
N PRO C 85 -14.83 -10.54 60.76
CA PRO C 85 -13.37 -10.73 60.69
C PRO C 85 -12.76 -10.00 59.52
N SER C 86 -11.43 -10.05 59.41
CA SER C 86 -10.77 -9.49 58.24
C SER C 86 -10.97 -10.41 57.03
N GLY C 87 -10.85 -9.81 55.85
CA GLY C 87 -11.09 -10.54 54.62
C GLY C 87 -12.48 -10.25 54.07
N LYS C 88 -13.06 -11.23 53.39
CA LYS C 88 -14.36 -11.10 52.75
C LYS C 88 -15.41 -11.86 53.53
N THR C 89 -16.57 -11.24 53.73
CA THR C 89 -17.70 -11.88 54.38
C THR C 89 -18.97 -11.56 53.59
N GLU C 90 -19.88 -12.52 53.53
CA GLU C 90 -21.10 -12.39 52.75
C GLU C 90 -22.29 -12.90 53.55
N ILE C 91 -23.42 -12.22 53.39
CA ILE C 91 -24.68 -12.64 54.00
C ILE C 91 -25.79 -12.43 52.99
N PRO C 92 -26.47 -13.50 52.55
CA PRO C 92 -27.56 -13.32 51.58
C PRO C 92 -28.71 -12.52 52.18
N PHE C 93 -29.66 -12.17 51.30
CA PHE C 93 -30.87 -11.47 51.71
C PHE C 93 -31.88 -11.54 50.58
N GLU C 94 -33.15 -11.41 50.95
CA GLU C 94 -34.24 -11.48 49.98
C GLU C 94 -35.38 -10.59 50.44
N PHE C 95 -36.29 -10.32 49.51
CA PHE C 95 -37.47 -9.51 49.76
C PHE C 95 -38.56 -9.92 48.79
N PRO C 96 -39.83 -9.89 49.22
CA PRO C 96 -40.93 -10.17 48.29
C PRO C 96 -41.48 -8.89 47.66
N LEU C 97 -41.80 -8.98 46.37
CA LEU C 97 -42.38 -7.88 45.61
C LEU C 97 -43.87 -8.17 45.43
N HIS C 98 -44.68 -7.70 46.36
CA HIS C 98 -46.12 -7.89 46.29
C HIS C 98 -46.80 -6.77 47.06
N LEU C 99 -48.09 -6.57 46.77
CA LEU C 99 -48.87 -5.51 47.37
C LEU C 99 -50.18 -6.07 47.92
N LYS C 100 -50.75 -5.34 48.88
CA LYS C 100 -52.01 -5.76 49.48
C LYS C 100 -53.13 -5.72 48.45
N GLY C 101 -53.97 -6.76 48.49
CA GLY C 101 -55.15 -6.77 47.63
C GLY C 101 -54.78 -6.69 46.16
N ASN C 102 -55.49 -5.84 45.44
CA ASN C 102 -55.38 -5.75 43.98
C ASN C 102 -54.36 -4.71 43.52
N LYS C 103 -53.75 -3.97 44.43
CA LYS C 103 -52.84 -2.90 44.05
C LYS C 103 -51.64 -3.47 43.31
N VAL C 104 -51.11 -2.69 42.37
CA VAL C 104 -50.00 -3.11 41.52
C VAL C 104 -48.89 -2.07 41.61
N LEU C 105 -47.66 -2.52 41.38
CA LEU C 105 -46.50 -1.65 41.50
C LEU C 105 -46.45 -0.67 40.33
N TYR C 106 -45.95 0.54 40.61
CA TYR C 106 -45.76 1.53 39.58
C TYR C 106 -44.43 1.30 38.86
N GLU C 107 -44.32 1.87 37.66
CA GLU C 107 -43.11 1.68 36.82
C GLU C 107 -41.97 2.53 37.36
N THR C 108 -40.73 2.06 37.24
CA THR C 108 -39.54 2.77 37.67
C THR C 108 -39.32 3.95 36.74
N TYR C 109 -39.96 5.07 37.04
CA TYR C 109 -39.96 6.25 36.18
C TYR C 109 -39.13 7.36 36.79
N HIS C 110 -38.17 7.85 36.01
CA HIS C 110 -37.39 9.03 36.36
C HIS C 110 -37.95 10.20 35.56
N GLY C 111 -38.35 11.26 36.25
CA GLY C 111 -38.88 12.41 35.57
C GLY C 111 -38.49 13.71 36.25
N VAL C 112 -39.42 14.65 36.31
CA VAL C 112 -39.21 15.90 37.05
C VAL C 112 -40.34 16.20 38.02
N PHE C 113 -41.53 15.62 37.85
CA PHE C 113 -42.64 15.82 38.76
C PHE C 113 -43.32 14.53 39.16
N VAL C 114 -42.93 13.40 38.59
CA VAL C 114 -43.31 12.10 39.10
C VAL C 114 -42.10 11.18 39.02
N ASN C 115 -41.42 10.99 40.15
CA ASN C 115 -40.21 10.19 40.22
C ASN C 115 -40.51 8.95 41.06
N ILE C 116 -40.65 7.81 40.40
CA ILE C 116 -40.96 6.54 41.05
C ILE C 116 -39.66 5.77 41.19
N GLN C 117 -39.37 5.30 42.41
CA GLN C 117 -38.12 4.61 42.68
C GLN C 117 -38.36 3.47 43.65
N TYR C 118 -37.46 2.49 43.59
CA TYR C 118 -37.49 1.32 44.45
C TYR C 118 -36.06 1.06 44.89
N THR C 119 -35.78 1.27 46.18
CA THR C 119 -34.42 1.35 46.68
C THR C 119 -34.18 0.39 47.83
N LEU C 120 -32.92 -0.01 47.98
CA LEU C 120 -32.43 -0.75 49.13
C LEU C 120 -31.40 0.09 49.88
N ARG C 121 -31.52 0.12 51.20
CA ARG C 121 -30.60 0.88 52.05
C ARG C 121 -30.00 -0.07 53.08
N CYS C 122 -28.68 -0.12 53.13
CA CYS C 122 -27.94 -0.98 54.04
C CYS C 122 -27.12 -0.11 54.98
N ASP C 123 -27.42 -0.20 56.28
CA ASP C 123 -26.78 0.63 57.28
C ASP C 123 -25.94 -0.25 58.22
N MET C 124 -24.72 0.21 58.50
CA MET C 124 -23.78 -0.46 59.38
C MET C 124 -23.55 0.39 60.62
N LYS C 125 -23.45 -0.27 61.77
CA LYS C 125 -23.32 0.38 63.06
C LYS C 125 -22.02 -0.06 63.73
N ARG C 126 -21.33 0.90 64.34
CA ARG C 126 -19.99 0.65 64.86
C ARG C 126 -19.84 1.35 66.21
N SER C 127 -18.62 1.39 66.72
CA SER C 127 -18.34 1.94 68.05
C SER C 127 -16.92 2.49 68.05
N LEU C 128 -16.36 2.67 69.24
CA LEU C 128 -14.99 3.15 69.40
C LEU C 128 -14.05 2.48 68.41
N LEU C 129 -13.17 3.29 67.81
CA LEU C 129 -12.23 2.90 66.77
C LEU C 129 -12.90 2.85 65.39
N ALA C 130 -14.16 3.27 65.27
CA ALA C 130 -14.85 3.24 63.99
C ALA C 130 -16.10 4.11 64.07
N LYS C 131 -16.88 4.10 63.00
CA LYS C 131 -18.08 4.93 62.90
C LYS C 131 -19.13 4.20 62.07
N ASP C 132 -20.37 4.66 62.18
CA ASP C 132 -21.48 4.07 61.45
C ASP C 132 -21.50 4.56 60.01
N LEU C 133 -22.04 3.73 59.11
CA LEU C 133 -22.03 4.03 57.69
C LEU C 133 -23.39 3.68 57.09
N THR C 134 -23.67 4.27 55.93
CA THR C 134 -24.93 4.05 55.23
C THR C 134 -24.65 3.87 53.73
N LYS C 135 -25.42 2.98 53.10
CA LYS C 135 -25.30 2.69 51.68
C LYS C 135 -26.69 2.64 51.08
N THR C 136 -26.81 3.12 49.83
CA THR C 136 -28.06 3.12 49.10
C THR C 136 -27.92 2.31 47.83
N CYS C 137 -29.05 2.04 47.19
CA CYS C 137 -29.09 1.23 45.97
C CYS C 137 -30.46 1.38 45.32
N GLU C 138 -30.63 0.71 44.18
CA GLU C 138 -31.89 0.77 43.44
C GLU C 138 -32.00 -0.47 42.56
N PHE C 139 -33.24 -0.81 42.20
CA PHE C 139 -33.49 -1.89 41.26
C PHE C 139 -34.70 -1.53 40.41
N ILE C 140 -34.80 -2.16 39.24
CA ILE C 140 -35.77 -1.76 38.24
C ILE C 140 -37.02 -2.62 38.38
N VAL C 141 -38.19 -1.95 38.43
CA VAL C 141 -39.48 -2.60 38.50
C VAL C 141 -40.24 -2.27 37.22
N HIS C 142 -40.70 -3.31 36.53
CA HIS C 142 -41.38 -3.16 35.25
C HIS C 142 -42.88 -3.36 35.41
N SER C 143 -43.66 -2.48 34.79
CA SER C 143 -45.11 -2.61 34.81
C SER C 143 -45.55 -3.74 33.89
N ALA C 144 -46.71 -4.30 34.20
CA ALA C 144 -47.15 -5.52 33.53
C ALA C 144 -47.51 -5.24 32.07
N PRO C 145 -47.40 -6.25 31.21
CA PRO C 145 -47.86 -6.08 29.83
C PRO C 145 -49.35 -5.78 29.78
N GLN C 146 -49.74 -4.95 28.81
CA GLN C 146 -51.14 -4.55 28.68
C GLN C 146 -51.98 -5.69 28.12
N PHE C 150 -52.66 -4.78 20.67
CA PHE C 150 -51.93 -3.70 20.03
C PHE C 150 -52.48 -3.41 18.64
N THR C 151 -52.67 -2.13 18.34
CA THR C 151 -53.20 -1.71 17.05
C THR C 151 -52.53 -0.42 16.60
N PRO C 152 -51.70 -0.45 15.55
CA PRO C 152 -51.06 0.79 15.10
C PRO C 152 -52.09 1.81 14.64
N SER C 153 -51.76 3.09 14.83
CA SER C 153 -52.60 4.21 14.44
C SER C 153 -51.76 5.21 13.66
N PRO C 154 -51.41 4.90 12.40
CA PRO C 154 -50.60 5.84 11.63
C PRO C 154 -51.30 7.19 11.47
N VAL C 155 -50.51 8.25 11.50
CA VAL C 155 -51.02 9.62 11.49
C VAL C 155 -50.32 10.35 10.34
N ASP C 156 -50.95 10.32 9.16
CA ASP C 156 -50.46 11.12 8.05
C ASP C 156 -50.57 12.59 8.39
N PHE C 157 -49.54 13.36 8.06
CA PHE C 157 -49.52 14.77 8.38
C PHE C 157 -48.95 15.54 7.19
N THR C 158 -49.30 16.82 7.13
CA THR C 158 -48.90 17.70 6.03
C THR C 158 -48.46 19.02 6.65
N ILE C 159 -47.16 19.14 6.92
CA ILE C 159 -46.62 20.35 7.51
C ILE C 159 -46.63 21.45 6.45
N THR C 160 -47.63 22.32 6.52
CA THR C 160 -47.77 23.46 5.63
C THR C 160 -48.07 24.70 6.46
N PRO C 161 -47.71 25.88 5.96
CA PRO C 161 -48.00 27.10 6.75
C PRO C 161 -49.49 27.24 7.06
N GLU C 162 -50.36 26.80 6.16
CA GLU C 162 -51.80 26.93 6.37
C GLU C 162 -52.34 25.92 7.37
N THR C 163 -51.61 24.85 7.65
CA THR C 163 -52.06 23.84 8.60
C THR C 163 -51.53 24.07 10.01
N LEU C 164 -50.67 25.05 10.22
CA LEU C 164 -50.15 25.36 11.55
C LEU C 164 -51.14 26.30 12.24
N GLN C 165 -52.03 25.72 13.05
CA GLN C 165 -53.02 26.53 13.74
C GLN C 165 -52.37 27.56 14.66
N ASN C 166 -51.35 27.13 15.41
CA ASN C 166 -50.66 28.04 16.32
C ASN C 166 -50.05 29.22 15.59
N VAL C 167 -49.78 29.09 14.29
CA VAL C 167 -49.17 30.15 13.50
C VAL C 167 -50.29 31.06 13.01
N LYS C 168 -50.52 32.16 13.72
CA LYS C 168 -51.45 33.18 13.28
C LYS C 168 -50.78 34.34 12.55
N GLU C 169 -49.48 34.53 12.77
CA GLU C 169 -48.69 35.47 11.97
C GLU C 169 -47.95 34.69 10.88
N ARG C 170 -48.74 34.19 9.93
CA ARG C 170 -48.25 33.33 8.86
C ARG C 170 -47.51 34.08 7.77
N ALA C 171 -47.52 35.42 7.81
CA ALA C 171 -46.92 36.19 6.72
C ALA C 171 -45.46 35.83 6.50
N LEU C 172 -44.77 35.35 7.54
CA LEU C 172 -43.34 35.08 7.46
C LEU C 172 -43.02 33.67 6.99
N LEU C 173 -44.01 32.81 6.80
CA LEU C 173 -43.74 31.44 6.40
C LEU C 173 -43.71 31.34 4.88
N PRO C 174 -42.57 31.07 4.25
CA PRO C 174 -42.58 30.76 2.81
C PRO C 174 -43.23 29.42 2.53
N LYS C 175 -43.77 29.30 1.32
CA LYS C 175 -44.55 28.11 0.96
C LYS C 175 -43.70 26.85 1.06
N PHE C 176 -44.29 25.82 1.66
CA PHE C 176 -43.72 24.48 1.70
C PHE C 176 -44.85 23.49 1.88
N LEU C 177 -44.60 22.24 1.50
CA LEU C 177 -45.64 21.21 1.49
C LEU C 177 -45.09 19.90 2.02
N LEU C 178 -44.40 19.96 3.15
CA LEU C 178 -43.88 18.76 3.79
C LEU C 178 -44.98 17.73 3.97
N ARG C 179 -44.68 16.49 3.58
CA ARG C 179 -45.57 15.35 3.80
C ARG C 179 -44.81 14.29 4.57
N GLY C 180 -45.51 13.22 4.90
CA GLY C 180 -44.92 12.11 5.61
C GLY C 180 -45.96 11.46 6.50
N HIS C 181 -45.48 10.55 7.35
CA HIS C 181 -46.38 9.92 8.29
C HIS C 181 -45.59 9.12 9.31
N LEU C 182 -46.11 9.09 10.53
CA LEU C 182 -45.61 8.18 11.57
C LEU C 182 -46.31 6.84 11.42
N ASN C 183 -45.54 5.76 11.56
CA ASN C 183 -46.14 4.44 11.43
C ASN C 183 -47.17 4.19 12.53
N SER C 184 -47.05 4.87 13.66
CA SER C 184 -48.02 4.74 14.74
C SER C 184 -47.72 5.75 15.82
N THR C 185 -48.78 6.25 16.45
CA THR C 185 -48.67 7.02 17.69
C THR C 185 -48.86 6.16 18.93
N ASN C 186 -49.46 4.98 18.77
CA ASN C 186 -49.55 3.98 19.84
C ASN C 186 -48.28 3.15 19.73
N CYS C 187 -47.26 3.56 20.46
CA CYS C 187 -45.90 3.04 20.28
C CYS C 187 -45.59 2.00 21.35
N VAL C 188 -45.16 0.81 20.92
CA VAL C 188 -44.63 -0.18 21.84
C VAL C 188 -43.29 0.32 22.36
N ILE C 189 -43.20 0.52 23.67
CA ILE C 189 -42.05 1.22 24.24
C ILE C 189 -40.76 0.44 24.02
N THR C 190 -40.85 -0.85 23.69
CA THR C 190 -39.69 -1.65 23.37
C THR C 190 -39.36 -1.65 21.89
N GLN C 191 -40.12 -0.91 21.08
CA GLN C 191 -39.86 -0.79 19.66
C GLN C 191 -39.79 0.69 19.28
N PRO C 192 -39.04 1.03 18.25
CA PRO C 192 -38.79 2.44 17.94
C PRO C 192 -39.98 3.11 17.27
N LEU C 193 -39.98 4.44 17.33
CA LEU C 193 -40.91 5.25 16.56
C LEU C 193 -40.39 5.36 15.14
N THR C 194 -41.16 4.89 14.18
CA THR C 194 -40.73 4.79 12.80
C THR C 194 -41.70 5.55 11.90
N GLY C 195 -41.14 6.26 10.92
CA GLY C 195 -41.96 7.03 10.00
C GLY C 195 -41.15 7.56 8.86
N GLU C 196 -41.81 8.33 7.99
CA GLU C 196 -41.17 8.93 6.83
C GLU C 196 -41.52 10.41 6.77
N LEU C 197 -40.62 11.18 6.16
CA LEU C 197 -40.83 12.60 5.93
C LEU C 197 -40.27 12.97 4.57
N VAL C 198 -41.11 13.57 3.72
CA VAL C 198 -40.76 13.91 2.35
C VAL C 198 -40.96 15.41 2.17
N VAL C 199 -39.97 16.08 1.62
CA VAL C 199 -40.05 17.51 1.34
C VAL C 199 -40.57 17.63 -0.09
N GLU C 200 -41.90 17.72 -0.23
CA GLU C 200 -42.50 17.82 -1.54
C GLU C 200 -42.26 19.17 -2.19
N SER C 201 -41.97 20.21 -1.40
CA SER C 201 -41.62 21.51 -1.94
C SER C 201 -41.11 22.34 -0.78
N SER C 202 -40.13 23.21 -1.08
CA SER C 202 -39.59 24.09 -0.05
C SER C 202 -39.00 25.32 -0.74
N GLU C 203 -39.74 26.43 -0.73
CA GLU C 203 -39.18 27.69 -1.18
C GLU C 203 -37.90 28.03 -0.44
N ALA C 204 -37.85 27.72 0.85
CA ALA C 204 -36.66 27.91 1.67
C ALA C 204 -36.20 26.52 2.13
N ALA C 205 -35.11 26.04 1.53
CA ALA C 205 -34.63 24.69 1.80
C ALA C 205 -34.53 24.47 3.31
N ILE C 206 -34.84 23.24 3.73
CA ILE C 206 -34.92 22.96 5.16
C ILE C 206 -33.56 23.20 5.79
N ARG C 207 -33.55 23.83 6.95
CA ARG C 207 -32.32 24.00 7.70
C ARG C 207 -32.08 22.83 8.64
N SER C 208 -33.15 22.15 8.98
CA SER C 208 -33.02 20.98 9.87
C SER C 208 -34.40 20.39 10.11
N VAL C 209 -34.45 19.16 10.59
CA VAL C 209 -35.67 18.47 11.01
C VAL C 209 -35.36 17.73 12.31
N GLU C 210 -36.22 17.86 13.32
CA GLU C 210 -35.96 17.25 14.66
C GLU C 210 -37.18 16.46 15.16
N LEU C 211 -36.97 15.53 16.08
CA LEU C 211 -38.06 14.72 16.70
C LEU C 211 -37.95 14.93 18.20
N GLN C 212 -38.89 15.65 18.82
CA GLN C 212 -38.81 16.04 20.23
C GLN C 212 -39.86 15.26 21.04
N LEU C 213 -39.39 14.37 21.92
CA LEU C 213 -40.27 13.62 22.82
C LEU C 213 -40.57 14.47 24.05
N VAL C 214 -41.79 14.97 24.15
CA VAL C 214 -42.22 15.76 25.30
C VAL C 214 -43.05 14.90 26.23
N ARG C 215 -42.63 14.82 27.48
CA ARG C 215 -43.44 14.22 28.55
C ARG C 215 -44.28 15.29 29.22
N VAL C 216 -45.57 15.01 29.38
CA VAL C 216 -46.48 15.86 30.12
C VAL C 216 -46.98 15.08 31.33
N GLU C 217 -46.85 15.69 32.50
CA GLU C 217 -47.27 15.06 33.75
C GLU C 217 -48.32 15.93 34.44
N THR C 218 -49.30 15.27 35.05
CA THR C 218 -50.30 15.90 35.88
C THR C 218 -50.20 15.32 37.28
N CYS C 219 -50.08 16.18 38.27
CA CYS C 219 -49.90 15.77 39.66
C CYS C 219 -51.02 16.39 40.50
N GLY C 220 -52.14 15.69 40.59
CA GLY C 220 -53.27 16.17 41.36
C GLY C 220 -54.54 15.43 40.99
N CYS C 221 -55.65 16.00 41.44
CA CYS C 221 -56.98 15.45 41.20
C CYS C 221 -57.85 16.52 40.55
N ALA C 222 -59.12 16.17 40.33
CA ALA C 222 -60.02 17.05 39.59
C ALA C 222 -60.23 18.40 40.26
N GLU C 223 -60.05 18.48 41.58
CA GLU C 223 -60.28 19.75 42.26
C GLU C 223 -59.34 20.83 41.74
N GLY C 224 -58.07 20.50 41.61
CA GLY C 224 -57.08 21.44 41.11
C GLY C 224 -55.75 20.78 40.83
N TYR C 225 -55.12 21.12 39.72
CA TYR C 225 -53.86 20.52 39.34
C TYR C 225 -53.12 21.46 38.40
N ALA C 226 -51.84 21.18 38.20
CA ALA C 226 -51.02 21.88 37.24
C ALA C 226 -50.41 20.86 36.28
N ARG C 227 -50.62 21.05 34.98
CA ARG C 227 -50.03 20.20 33.96
C ARG C 227 -48.68 20.78 33.57
N ASP C 228 -47.66 19.93 33.49
CA ASP C 228 -46.32 20.41 33.18
C ASP C 228 -45.70 19.57 32.07
N ALA C 229 -45.09 20.25 31.10
CA ALA C 229 -44.52 19.62 29.91
C ALA C 229 -43.03 19.88 29.86
N THR C 230 -42.25 18.83 29.58
CA THR C 230 -40.80 18.92 29.46
C THR C 230 -40.37 18.00 28.33
N GLU C 231 -39.11 18.13 27.90
CA GLU C 231 -38.62 17.39 26.74
C GLU C 231 -37.63 16.33 27.19
N ILE C 232 -37.97 15.06 26.94
CA ILE C 232 -37.06 13.98 27.28
C ILE C 232 -35.79 14.06 26.45
N GLN C 233 -35.93 14.20 25.14
CA GLN C 233 -34.79 14.10 24.23
C GLN C 233 -35.15 14.71 22.88
N ASN C 234 -34.19 15.40 22.29
CA ASN C 234 -34.29 15.93 20.94
C ASN C 234 -33.29 15.23 20.06
N ILE C 235 -33.75 14.66 18.95
CA ILE C 235 -32.86 14.06 17.97
C ILE C 235 -33.14 14.68 16.62
N GLN C 236 -32.11 14.73 15.79
CA GLN C 236 -32.18 15.36 14.48
C GLN C 236 -32.06 14.27 13.41
N ILE C 237 -32.99 14.28 12.46
CA ILE C 237 -33.05 13.26 11.42
C ILE C 237 -32.64 13.76 10.05
N ALA C 238 -32.63 15.08 9.83
CA ALA C 238 -32.20 15.61 8.54
C ALA C 238 -31.54 16.95 8.77
N ASP C 239 -30.36 17.13 8.20
CA ASP C 239 -29.61 18.39 8.27
C ASP C 239 -29.32 18.88 6.86
N GLY C 240 -29.49 20.18 6.65
CA GLY C 240 -29.28 20.76 5.35
C GLY C 240 -30.44 20.49 4.42
N ASP C 241 -30.28 20.94 3.18
CA ASP C 241 -31.35 20.93 2.18
C ASP C 241 -31.42 19.56 1.52
N VAL C 242 -32.28 18.69 2.06
CA VAL C 242 -32.41 17.36 1.48
C VAL C 242 -33.00 17.48 0.07
N CYS C 243 -32.82 16.42 -0.71
CA CYS C 243 -33.38 16.38 -2.05
C CYS C 243 -34.90 16.30 -1.98
N ARG C 244 -35.56 17.00 -2.90
CA ARG C 244 -37.01 16.98 -2.95
C ARG C 244 -37.50 15.62 -3.45
N GLY C 245 -38.48 15.06 -2.76
CA GLY C 245 -39.01 13.77 -3.10
C GLY C 245 -38.30 12.60 -2.44
N LEU C 246 -37.17 12.85 -1.79
CA LEU C 246 -36.44 11.81 -1.09
C LEU C 246 -37.08 11.56 0.26
N SER C 247 -37.29 10.29 0.60
CA SER C 247 -37.98 9.91 1.83
C SER C 247 -36.96 9.89 2.97
N VAL C 248 -36.83 11.02 3.66
CA VAL C 248 -36.01 11.04 4.88
C VAL C 248 -36.66 10.14 5.91
N PRO C 249 -35.90 9.32 6.65
CA PRO C 249 -36.51 8.44 7.64
C PRO C 249 -36.56 9.04 9.04
N ILE C 250 -37.57 8.60 9.81
CA ILE C 250 -37.81 9.05 11.22
C ILE C 250 -37.67 7.83 12.15
N TYR C 251 -36.42 7.48 12.50
CA TYR C 251 -36.15 6.35 13.43
C TYR C 251 -35.83 6.93 14.81
N MET C 252 -36.63 6.60 15.81
CA MET C 252 -36.47 7.06 17.19
C MET C 252 -36.45 5.86 18.13
N VAL C 253 -35.59 5.93 19.14
CA VAL C 253 -35.48 4.88 20.15
C VAL C 253 -36.02 5.42 21.47
N PHE C 254 -36.79 4.60 22.16
CA PHE C 254 -37.42 5.05 23.39
C PHE C 254 -36.49 4.81 24.57
N PRO C 255 -36.30 5.80 25.45
CA PRO C 255 -35.46 5.58 26.63
C PRO C 255 -35.78 4.27 27.35
N ARG C 256 -34.77 3.59 27.90
CA ARG C 256 -34.96 2.30 28.59
C ARG C 256 -36.08 2.51 29.61
N LEU C 257 -35.86 3.29 30.66
CA LEU C 257 -36.90 3.53 31.71
C LEU C 257 -37.01 5.02 32.03
N PHE C 258 -36.35 5.90 31.26
CA PHE C 258 -36.55 7.36 31.40
C PHE C 258 -37.99 7.59 30.96
N THR C 259 -38.56 6.61 30.22
CA THR C 259 -39.97 6.65 29.75
C THR C 259 -40.71 5.44 30.35
N CYS C 260 -41.95 5.62 30.83
CA CYS C 260 -42.76 4.55 31.39
C CYS C 260 -44.09 4.51 30.63
N PRO C 261 -44.76 3.38 30.59
CA PRO C 261 -46.11 3.39 30.03
C PRO C 261 -46.99 4.43 30.69
N THR C 262 -47.83 5.10 29.92
CA THR C 262 -48.65 6.18 30.46
C THR C 262 -49.62 5.63 31.50
N LEU C 263 -49.80 6.38 32.58
CA LEU C 263 -50.53 5.90 33.76
C LEU C 263 -51.72 6.79 34.04
N GLU C 264 -52.83 6.16 34.40
CA GLU C 264 -54.04 6.84 34.86
C GLU C 264 -54.22 6.53 36.34
N THR C 265 -53.99 7.52 37.19
CA THR C 265 -54.09 7.35 38.63
C THR C 265 -54.96 8.46 39.21
N THR C 266 -55.65 8.14 40.30
CA THR C 266 -56.50 9.12 40.95
C THR C 266 -55.73 10.35 41.41
N ASN C 267 -54.42 10.21 41.64
CA ASN C 267 -53.60 11.33 42.10
C ASN C 267 -52.71 11.93 41.04
N PHE C 268 -52.25 11.14 40.05
CA PHE C 268 -51.32 11.66 39.07
C PHE C 268 -51.43 10.85 37.78
N LYS C 269 -50.96 11.46 36.69
CA LYS C 269 -50.91 10.84 35.38
C LYS C 269 -49.63 11.24 34.67
N VAL C 270 -49.11 10.33 33.85
CA VAL C 270 -47.93 10.57 33.02
C VAL C 270 -48.29 10.22 31.58
N GLU C 271 -48.06 11.17 30.66
CA GLU C 271 -48.42 11.01 29.27
C GLU C 271 -47.31 11.60 28.42
N PHE C 272 -47.29 11.25 27.13
CA PHE C 272 -46.20 11.65 26.25
C PHE C 272 -46.73 12.11 24.90
N GLU C 273 -45.86 12.79 24.16
CA GLU C 273 -46.18 13.29 22.84
C GLU C 273 -44.88 13.49 22.07
N VAL C 274 -45.00 13.58 20.75
CA VAL C 274 -43.86 13.81 19.87
C VAL C 274 -44.13 15.04 19.02
N ASN C 275 -43.18 15.96 19.00
CA ASN C 275 -43.26 17.16 18.19
C ASN C 275 -42.28 17.02 17.04
N ILE C 276 -42.74 17.28 15.83
CA ILE C 276 -41.86 17.37 14.67
C ILE C 276 -41.61 18.86 14.47
N VAL C 277 -40.37 19.25 14.70
CA VAL C 277 -39.96 20.64 14.67
C VAL C 277 -39.01 20.80 13.48
N VAL C 278 -39.44 21.57 12.48
CA VAL C 278 -38.64 21.80 11.29
C VAL C 278 -38.13 23.24 11.31
N LEU C 279 -36.86 23.41 10.99
CA LEU C 279 -36.24 24.72 10.91
C LEU C 279 -35.84 25.02 9.48
N LEU C 280 -36.11 26.25 9.06
CA LEU C 280 -35.85 26.73 7.72
C LEU C 280 -34.72 27.73 7.76
N HIS C 281 -34.11 27.97 6.59
CA HIS C 281 -32.93 28.82 6.50
C HIS C 281 -33.15 30.18 7.16
N PRO C 282 -34.36 30.74 7.10
CA PRO C 282 -34.62 31.97 7.85
C PRO C 282 -34.99 31.71 9.30
N ASP C 283 -34.47 30.64 9.90
CA ASP C 283 -34.73 30.25 11.30
C ASP C 283 -36.24 30.21 11.57
N HIS C 284 -37.06 29.68 10.66
CA HIS C 284 -38.48 29.54 10.94
C HIS C 284 -38.72 28.38 11.89
N LEU C 285 -39.94 28.29 12.41
CA LEU C 285 -40.30 27.29 13.40
C LEU C 285 -41.53 26.54 12.94
N ILE C 286 -41.39 25.25 12.69
CA ILE C 286 -42.52 24.35 12.48
C ILE C 286 -42.71 23.56 13.77
N THR C 287 -43.96 23.23 14.07
CA THR C 287 -44.24 22.42 15.26
C THR C 287 -45.51 21.63 15.04
N GLU C 288 -45.37 20.34 14.74
CA GLU C 288 -46.52 19.44 14.71
C GLU C 288 -46.49 18.56 15.97
N ASN C 289 -47.48 18.74 16.84
CA ASN C 289 -47.52 18.05 18.14
C ASN C 289 -48.44 16.84 18.10
N PHE C 290 -47.89 15.70 17.69
CA PHE C 290 -48.65 14.42 17.59
C PHE C 290 -48.89 13.88 19.00
N PRO C 291 -49.86 12.98 19.23
CA PRO C 291 -50.05 12.37 20.55
C PRO C 291 -49.08 11.20 20.69
N LEU C 292 -49.00 10.59 21.88
CA LEU C 292 -48.17 9.37 22.08
C LEU C 292 -48.78 8.52 23.21
N LYS C 293 -49.51 7.47 22.86
CA LYS C 293 -50.01 6.51 23.83
C LYS C 293 -49.00 5.38 24.02
N LEU C 294 -47.93 5.66 24.78
CA LEU C 294 -46.92 4.65 25.03
C LEU C 294 -47.46 3.54 25.90
N CYS C 295 -46.93 2.33 25.69
CA CYS C 295 -47.38 1.16 26.43
C CYS C 295 -46.30 0.10 26.34
N ARG C 296 -46.40 -0.90 27.23
CA ARG C 296 -45.48 -2.03 27.28
C ARG C 296 -46.18 -3.26 26.73
N ILE C 297 -45.82 -3.65 25.51
CA ILE C 297 -46.38 -4.84 24.90
C ILE C 297 -45.27 -5.64 24.23
N GLY D 8 -35.46 18.93 30.65
CA GLY D 8 -34.14 19.50 30.85
C GLY D 8 -33.07 18.46 31.10
N ASN D 9 -33.50 17.25 31.48
CA ASN D 9 -32.59 16.10 31.75
C ASN D 9 -32.76 15.12 30.60
N PHE D 10 -31.68 14.80 29.87
CA PHE D 10 -31.74 13.97 28.68
C PHE D 10 -31.60 12.50 29.07
N ALA D 11 -31.66 11.63 28.06
CA ALA D 11 -31.30 10.23 28.20
C ALA D 11 -29.82 9.99 27.90
N PHE D 12 -29.07 11.06 27.62
CA PHE D 12 -27.66 10.97 27.29
C PHE D 12 -26.76 11.66 28.32
N GLU D 13 -27.33 12.47 29.22
CA GLU D 13 -26.62 12.99 30.38
C GLU D 13 -27.11 12.32 31.66
N GLY D 14 -27.63 11.10 31.53
CA GLY D 14 -28.13 10.36 32.67
C GLY D 14 -27.70 8.91 32.63
N ILE D 15 -26.70 8.61 31.80
CA ILE D 15 -26.07 7.30 31.75
C ILE D 15 -24.71 7.46 32.40
N GLY D 16 -24.44 6.71 33.48
CA GLY D 16 -23.22 6.91 34.27
C GLY D 16 -22.05 6.10 33.76
N ASP D 17 -20.82 6.50 34.09
CA ASP D 17 -19.62 5.72 33.73
C ASP D 17 -19.82 4.33 34.35
N GLU D 18 -20.15 4.24 35.64
CA GLU D 18 -20.36 2.96 36.36
C GLU D 18 -21.27 2.03 35.56
N ASP D 19 -22.37 2.53 34.99
CA ASP D 19 -23.33 1.73 34.25
C ASP D 19 -22.73 1.17 32.95
N LEU D 20 -21.79 1.88 32.34
CA LEU D 20 -21.20 1.41 31.09
C LEU D 20 -20.38 0.16 31.34
#